data_9D3L
#
_entry.id   9D3L
#
_cell.length_a   1.00
_cell.length_b   1.00
_cell.length_c   1.00
_cell.angle_alpha   90.00
_cell.angle_beta   90.00
_cell.angle_gamma   90.00
#
_symmetry.space_group_name_H-M   'P 1'
#
loop_
_entity.id
_entity.type
_entity.pdbx_description
1 polymer 'Histone H3.2'
2 polymer 'Histone H4'
3 polymer 'Histone H2A type 2-A'
4 polymer 'Histone H2B type 1-M'
5 polymer '601 DNA'
6 polymer '601 DNA'
7 polymer 'Damage suppressor protein'
#
loop_
_entity_poly.entity_id
_entity_poly.type
_entity_poly.pdbx_seq_one_letter_code
_entity_poly.pdbx_strand_id
1 'polypeptide(L)'
;PHRYRPGTVALREIRRYQKSTELLIRKLPFQRLVREIAQDFKTDLRFQSSAVMALQEASEAYLVGLFEDTNLCAIHAKRV
TIMPKDIQLARRIRGERA
;
A,E
2 'polypeptide(L)' RDNIQGITKPAIRRLARRGGVKRISGLIYEETRGVLKVFLENVIRDAVTYTEHAKRKTVTAMDVVYALKRQGRTLYGFG B,F
3 'polypeptide(L)'
;AKSRSSRAGLQFPVGRVHRLLRKGNYAERVGAGAPVYMAAVLEYLTAEILELAGNAARDNKKTRIIPRHLQLAIRNDEEL
NKLLGKVTIAQGGVLPNIQAVLLP
;
C,G
4 'polypeptide(L)'
;KESYSVYVYKVLKQVHPDTGISSKAMGIMNSFVNDIFERIAGEASRLAHYNKRSTITSREIQTAVRLLLPGELAKHAVSE
GTKAVTKYTS
;
D,H
5 'polydeoxyribonucleotide'
;(DC)(DA)(DG)(DG)(DA)(DT)(DG)(DT)(DA)(DT)(DA)(DT)(DA)(DT)(DC)(DT)(DG)(DA)(DC)(DA)
(DC)(DG)(DT)(DG)(DC)(DC)(DT)(DG)(DG)(DA)(DG)(DA)(DC)(DT)(DA)(DG)(DG)(DG)(DA)(DG)
(DT)(DA)(DA)(DT)(DC)(DC)(DC)(DC)(DT)(DT)(DG)(DG)(DC)(DG)(DG)(DT)(DT)(DA)(DA)(DA)
(DA)(DC)(DG)(DC)(DG)(DG)(DG)(DG)(DG)(DA)(DC)(DA)(DG)(DC)(DG)(DC)(DG)(DT)(DA)(DC)
(DG)(DT)(DG)(DC)(DG)(DT)(DT)(DT)(DA)(DA)(DG)(DC)(DG)(DG)(DT)(DG)(DC)(DT)(DA)(DG)
(DA)(DG)(DC)(DT)(DG)(DT)(DC)(DT)(DA)(DC)(DG)(DA)(DC)(DC)(DA)(DA)(DT)(DT)(DG)(DA)
(DG)(DC)(DG)(DG)
;
J
6 'polydeoxyribonucleotide'
;(DC)(DC)(DG)(DC)(DT)(DC)(DA)(DA)(DT)(DT)(DG)(DG)(DT)(DC)(DG)(DT)(DA)(DG)(DA)(DC)
(DA)(DG)(DC)(DT)(DC)(DT)(DA)(DG)(DC)(DA)(DC)(DC)(DG)(DC)(DT)(DT)(DA)(DA)(DA)(DC)
(DG)(DC)(DA)(DC)(DG)(DT)(DA)(DC)(DG)(DC)(DG)(DC)(DT)(DG)(DT)(DC)(DC)(DC)(DC)(DC)
(DG)(DC)(DG)(DT)(DT)(DT)(DT)(DA)(DA)(DC)(DC)(DG)(DC)(DC)(DA)(DA)(DG)(DG)(DG)(DG)
(DA)(DT)(DT)(DA)(DC)(DT)(DC)(DC)(DC)(DT)(DA)(DG)(DT)(DC)(DT)(DC)(DC)(DA)(DG)(DG)
(DC)(DA)(DC)(DG)(DT)(DG)(DT)(DC)(DA)(DG)(DA)(DT)(DA)(DT)(DA)(DT)(DA)(DC)(DA)(DT)
(DC)(DC)(DT)(DG)
;
I
7 'polypeptide(L)' PPRRSSRLT K,L
#
loop_
_chem_comp.id
_chem_comp.type
_chem_comp.name
_chem_comp.formula
DA DNA linking 2'-DEOXYADENOSINE-5'-MONOPHOSPHATE 'C10 H14 N5 O6 P'
DC DNA linking 2'-DEOXYCYTIDINE-5'-MONOPHOSPHATE 'C9 H14 N3 O7 P'
DG DNA linking 2'-DEOXYGUANOSINE-5'-MONOPHOSPHATE 'C10 H14 N5 O7 P'
DT DNA linking THYMIDINE-5'-MONOPHOSPHATE 'C10 H15 N2 O8 P'
#
# COMPACT_ATOMS: atom_id res chain seq x y z
N PRO A 6 -26.60 21.50 25.47
CA PRO A 6 -26.14 20.25 24.85
C PRO A 6 -25.06 20.48 23.79
N GLY A 7 -23.82 20.17 24.13
CA GLY A 7 -22.72 20.31 23.17
C GLY A 7 -21.43 20.80 23.78
N THR A 8 -21.52 21.49 24.92
CA THR A 8 -20.33 21.99 25.60
C THR A 8 -19.55 20.88 26.30
N VAL A 9 -20.26 19.93 26.92
CA VAL A 9 -19.63 18.81 27.62
C VAL A 9 -19.05 17.87 26.57
N ALA A 10 -19.52 17.99 25.32
CA ALA A 10 -18.93 17.27 24.20
C ALA A 10 -17.70 17.94 23.62
N LEU A 11 -17.67 19.27 23.47
CA LEU A 11 -16.44 19.95 23.10
C LEU A 11 -15.36 19.75 24.14
N ARG A 12 -15.71 19.86 25.42
CA ARG A 12 -14.76 19.58 26.49
C ARG A 12 -14.29 18.13 26.46
N GLU A 13 -15.19 17.20 26.15
CA GLU A 13 -14.80 15.79 26.03
C GLU A 13 -13.82 15.59 24.87
N ILE A 14 -14.07 16.24 23.74
CA ILE A 14 -13.16 16.16 22.60
C ILE A 14 -11.78 16.67 23.00
N ARG A 15 -11.74 17.83 23.66
CA ARG A 15 -10.48 18.40 24.10
C ARG A 15 -9.77 17.49 25.09
N ARG A 16 -10.53 16.86 25.99
CA ARG A 16 -9.95 15.98 27.00
C ARG A 16 -9.34 14.74 26.37
N TYR A 17 -10.05 14.11 25.44
CA TYR A 17 -9.57 12.86 24.87
C TYR A 17 -8.62 13.06 23.70
N GLN A 18 -8.48 14.28 23.18
CA GLN A 18 -7.53 14.54 22.12
C GLN A 18 -6.13 14.86 22.64
N LYS A 19 -6.01 15.36 23.86
CA LYS A 19 -4.72 15.57 24.51
C LYS A 19 -4.28 14.37 25.34
N SER A 20 -5.15 13.38 25.52
CA SER A 20 -4.82 12.14 26.22
C SER A 20 -4.33 11.09 25.24
N THR A 21 -3.48 10.19 25.74
CA THR A 21 -2.91 9.13 24.93
C THR A 21 -3.30 7.74 25.40
N GLU A 22 -4.10 7.63 26.46
CA GLU A 22 -4.42 6.33 27.01
C GLU A 22 -5.32 5.54 26.06
N LEU A 23 -5.53 4.28 26.41
CA LEU A 23 -6.47 3.43 25.67
C LEU A 23 -7.89 3.67 26.20
N LEU A 24 -8.82 3.88 25.29
CA LEU A 24 -10.18 4.27 25.65
C LEU A 24 -11.13 3.08 25.77
N ILE A 25 -10.72 1.88 25.36
CA ILE A 25 -11.49 0.66 25.56
C ILE A 25 -10.93 -0.07 26.75
N ARG A 26 -11.82 -0.60 27.60
CA ARG A 26 -11.36 -1.38 28.75
C ARG A 26 -10.60 -2.60 28.26
N LYS A 27 -9.55 -2.94 29.00
CA LYS A 27 -8.61 -3.96 28.51
C LYS A 27 -9.15 -5.38 28.65
N LEU A 28 -9.93 -5.66 29.69
CA LEU A 28 -10.44 -7.02 29.86
C LEU A 28 -11.49 -7.40 28.83
N PRO A 29 -12.53 -6.57 28.59
CA PRO A 29 -13.46 -6.91 27.51
C PRO A 29 -12.80 -6.99 26.14
N PHE A 30 -11.84 -6.11 25.85
CA PHE A 30 -11.13 -6.21 24.58
C PHE A 30 -10.32 -7.50 24.49
N GLN A 31 -9.66 -7.89 25.59
CA GLN A 31 -8.90 -9.13 25.59
C GLN A 31 -9.81 -10.33 25.35
N ARG A 32 -10.97 -10.35 26.00
CA ARG A 32 -11.92 -11.42 25.77
C ARG A 32 -12.43 -11.43 24.34
N LEU A 33 -12.69 -10.25 23.76
CA LEU A 33 -13.09 -10.17 22.36
C LEU A 33 -12.01 -10.74 21.44
N VAL A 34 -10.74 -10.39 21.70
CA VAL A 34 -9.65 -10.88 20.87
C VAL A 34 -9.55 -12.39 20.97
N ARG A 35 -9.63 -12.94 22.19
CA ARG A 35 -9.57 -14.39 22.35
C ARG A 35 -10.75 -15.08 21.69
N GLU A 36 -11.95 -14.51 21.79
CA GLU A 36 -13.12 -15.13 21.16
C GLU A 36 -12.99 -15.11 19.64
N ILE A 37 -12.46 -14.03 19.07
CA ILE A 37 -12.25 -14.00 17.62
C ILE A 37 -11.20 -15.02 17.21
N ALA A 38 -10.08 -15.09 17.94
CA ALA A 38 -9.04 -16.05 17.61
C ALA A 38 -9.47 -17.49 17.82
N GLN A 39 -10.51 -17.73 18.64
CA GLN A 39 -11.00 -19.08 18.85
C GLN A 39 -11.54 -19.69 17.57
N ASP A 40 -11.90 -18.88 16.57
CA ASP A 40 -12.43 -19.39 15.32
C ASP A 40 -11.34 -19.81 14.33
N PHE A 41 -10.08 -19.52 14.63
CA PHE A 41 -8.97 -19.90 13.77
C PHE A 41 -8.15 -21.06 14.32
N LYS A 42 -7.94 -21.10 15.63
CA LYS A 42 -7.21 -22.20 16.26
C LYS A 42 -7.64 -22.30 17.71
N THR A 43 -8.13 -23.47 18.10
CA THR A 43 -8.48 -23.72 19.49
C THR A 43 -7.23 -23.87 20.34
N ASP A 44 -7.38 -23.58 21.64
CA ASP A 44 -6.27 -23.62 22.60
C ASP A 44 -5.12 -22.72 22.15
N LEU A 45 -5.44 -21.43 22.09
CA LEU A 45 -4.52 -20.41 21.62
C LEU A 45 -4.10 -19.54 22.79
N ARG A 46 -2.80 -19.46 23.05
CA ARG A 46 -2.27 -18.55 24.05
C ARG A 46 -1.91 -17.22 23.42
N PHE A 47 -1.96 -16.17 24.24
CA PHE A 47 -1.66 -14.82 23.78
C PHE A 47 -0.65 -14.19 24.72
N GLN A 48 0.38 -13.58 24.15
CA GLN A 48 1.22 -12.71 24.94
C GLN A 48 0.43 -11.49 25.39
N SER A 49 0.79 -10.95 26.54
CA SER A 49 0.19 -9.69 26.97
C SER A 49 0.49 -8.57 25.98
N SER A 50 1.72 -8.52 25.48
CA SER A 50 2.10 -7.56 24.45
C SER A 50 1.33 -7.76 23.15
N ALA A 51 0.95 -8.99 22.81
CA ALA A 51 0.16 -9.22 21.61
C ALA A 51 -1.20 -8.52 21.70
N VAL A 52 -1.91 -8.72 22.81
CA VAL A 52 -3.20 -8.07 23.00
C VAL A 52 -3.03 -6.56 23.13
N MET A 53 -1.96 -6.10 23.78
CA MET A 53 -1.73 -4.66 23.88
C MET A 53 -1.50 -4.03 22.51
N ALA A 54 -0.70 -4.67 21.65
CA ALA A 54 -0.51 -4.20 20.28
C ALA A 54 -1.81 -4.23 19.50
N LEU A 55 -2.60 -5.29 19.66
CA LEU A 55 -3.90 -5.35 19.00
C LEU A 55 -4.81 -4.21 19.43
N GLN A 56 -4.84 -3.89 20.72
CA GLN A 56 -5.68 -2.78 21.19
C GLN A 56 -5.19 -1.44 20.69
N GLU A 57 -3.87 -1.20 20.71
CA GLU A 57 -3.36 0.04 20.15
C GLU A 57 -3.72 0.18 18.67
N ALA A 58 -3.53 -0.88 17.89
CA ALA A 58 -3.89 -0.85 16.48
C ALA A 58 -5.39 -0.62 16.28
N SER A 59 -6.24 -1.33 17.02
CA SER A 59 -7.68 -1.19 16.87
C SER A 59 -8.15 0.21 17.24
N GLU A 60 -7.65 0.77 18.35
CA GLU A 60 -8.07 2.11 18.74
C GLU A 60 -7.58 3.16 17.76
N ALA A 61 -6.35 3.04 17.28
CA ALA A 61 -5.88 3.97 16.25
C ALA A 61 -6.72 3.87 14.99
N TYR A 62 -7.04 2.64 14.57
CA TYR A 62 -7.87 2.45 13.37
C TYR A 62 -9.24 3.07 13.55
N LEU A 63 -9.86 2.88 14.72
CA LEU A 63 -11.20 3.41 14.93
C LEU A 63 -11.19 4.93 15.04
N VAL A 64 -10.18 5.52 15.69
CA VAL A 64 -10.09 6.98 15.74
C VAL A 64 -9.88 7.54 14.34
N GLY A 65 -9.02 6.91 13.54
CA GLY A 65 -8.84 7.34 12.17
C GLY A 65 -10.09 7.22 11.32
N LEU A 66 -10.86 6.15 11.50
CA LEU A 66 -12.13 6.01 10.81
C LEU A 66 -13.16 7.05 11.25
N PHE A 67 -13.23 7.35 12.54
CA PHE A 67 -14.13 8.40 13.01
C PHE A 67 -13.73 9.78 12.50
N GLU A 68 -12.44 10.02 12.30
CA GLU A 68 -12.00 11.27 11.72
C GLU A 68 -12.49 11.47 10.28
N ASP A 69 -12.61 10.38 9.51
CA ASP A 69 -13.18 10.45 8.17
C ASP A 69 -14.71 10.45 8.20
N THR A 70 -15.31 9.71 9.13
CA THR A 70 -16.75 9.75 9.35
C THR A 70 -17.22 11.17 9.64
N ASN A 71 -16.48 11.90 10.46
CA ASN A 71 -16.84 13.29 10.76
C ASN A 71 -16.77 14.16 9.51
N LEU A 72 -15.76 13.96 8.66
CA LEU A 72 -15.67 14.72 7.42
C LEU A 72 -16.85 14.42 6.49
N CYS A 73 -17.22 13.14 6.38
CA CYS A 73 -18.40 12.79 5.61
C CYS A 73 -19.68 13.38 6.22
N ALA A 74 -19.73 13.54 7.54
CA ALA A 74 -20.86 14.18 8.18
C ALA A 74 -20.94 15.66 7.82
N ILE A 75 -19.81 16.38 7.95
CA ILE A 75 -19.79 17.80 7.63
C ILE A 75 -20.07 18.02 6.15
N HIS A 76 -19.69 17.06 5.30
CA HIS A 76 -19.99 17.17 3.87
C HIS A 76 -21.50 17.20 3.62
N ALA A 77 -22.28 16.40 4.33
CA ALA A 77 -23.72 16.34 4.16
C ALA A 77 -24.44 17.41 4.98
N LYS A 78 -23.72 18.41 5.49
CA LYS A 78 -24.32 19.48 6.31
C LYS A 78 -24.98 18.92 7.55
N ARG A 79 -24.20 18.18 8.34
CA ARG A 79 -24.65 17.63 9.61
C ARG A 79 -23.52 17.73 10.61
N VAL A 80 -23.89 17.71 11.90
CA VAL A 80 -22.93 17.53 12.96
C VAL A 80 -23.00 16.14 13.57
N THR A 81 -24.12 15.43 13.42
CA THR A 81 -24.24 14.05 13.87
C THR A 81 -23.66 13.12 12.81
N ILE A 82 -22.84 12.18 13.25
CA ILE A 82 -22.36 11.11 12.38
C ILE A 82 -23.36 9.98 12.39
N MET A 83 -23.62 9.41 11.23
CA MET A 83 -24.59 8.35 11.03
C MET A 83 -23.88 7.16 10.39
N PRO A 84 -24.47 5.97 10.46
CA PRO A 84 -23.81 4.80 9.85
C PRO A 84 -23.51 4.96 8.36
N LYS A 85 -24.32 5.75 7.64
CA LYS A 85 -24.03 6.02 6.24
C LYS A 85 -22.71 6.75 6.08
N ASP A 86 -22.34 7.58 7.04
CA ASP A 86 -21.04 8.24 7.03
C ASP A 86 -19.89 7.24 7.18
N ILE A 87 -20.01 6.28 8.10
CA ILE A 87 -19.01 5.23 8.23
C ILE A 87 -18.91 4.44 6.93
N GLN A 88 -20.05 4.11 6.33
CA GLN A 88 -20.03 3.36 5.07
C GLN A 88 -19.38 4.15 3.95
N LEU A 89 -19.65 5.45 3.84
CA LEU A 89 -19.00 6.25 2.82
C LEU A 89 -17.49 6.31 3.03
N ALA A 90 -17.07 6.53 4.29
CA ALA A 90 -15.64 6.60 4.57
C ALA A 90 -14.95 5.28 4.24
N ARG A 91 -15.60 4.16 4.59
CA ARG A 91 -15.03 2.85 4.32
C ARG A 91 -15.02 2.50 2.84
N ARG A 92 -16.03 2.95 2.09
CA ARG A 92 -16.01 2.78 0.64
C ARG A 92 -14.86 3.55 0.01
N ILE A 93 -14.73 4.83 0.37
CA ILE A 93 -13.68 5.66 -0.23
C ILE A 93 -12.30 5.16 0.16
N ARG A 94 -12.14 4.67 1.38
CA ARG A 94 -10.88 4.04 1.77
C ARG A 94 -10.59 2.79 0.95
N GLY A 95 -11.60 1.97 0.68
CA GLY A 95 -11.43 0.78 -0.09
C GLY A 95 -11.70 -0.49 0.70
N GLU A 96 -12.12 -0.33 1.95
CA GLU A 96 -12.38 -1.48 2.82
C GLU A 96 -13.68 -2.19 2.48
N ARG A 97 -14.66 -1.49 1.94
CA ARG A 97 -15.94 -2.11 1.61
C ARG A 97 -15.87 -2.83 0.27
N ARG B 1 -18.22 -15.61 23.70
CA ARG B 1 -19.67 -15.63 23.73
C ARG B 1 -20.24 -14.24 23.95
N ASP B 2 -20.60 -13.57 22.85
CA ASP B 2 -21.16 -12.22 22.87
C ASP B 2 -20.23 -11.26 23.61
N ASN B 3 -18.94 -11.36 23.30
CA ASN B 3 -17.93 -10.48 23.87
C ASN B 3 -17.75 -9.20 23.06
N ILE B 4 -18.44 -9.07 21.92
CA ILE B 4 -18.45 -7.81 21.19
C ILE B 4 -19.24 -6.74 21.93
N GLN B 5 -20.10 -7.12 22.87
CA GLN B 5 -20.82 -6.14 23.68
C GLN B 5 -19.92 -5.49 24.71
N GLY B 6 -18.77 -6.10 25.00
CA GLY B 6 -17.80 -5.49 25.90
C GLY B 6 -17.18 -4.21 25.37
N ILE B 7 -17.28 -3.97 24.07
CA ILE B 7 -16.87 -2.68 23.50
C ILE B 7 -18.07 -1.76 23.72
N THR B 8 -18.10 -1.13 24.89
CA THR B 8 -19.28 -0.46 25.37
C THR B 8 -19.54 0.84 24.61
N LYS B 9 -20.80 1.27 24.63
CA LYS B 9 -21.19 2.55 24.04
C LYS B 9 -20.39 3.73 24.58
N PRO B 10 -20.12 3.85 25.88
CA PRO B 10 -19.21 4.92 26.32
C PRO B 10 -17.82 4.83 25.72
N ALA B 11 -17.29 3.62 25.52
CA ALA B 11 -15.96 3.49 24.92
C ALA B 11 -15.96 3.94 23.46
N ILE B 12 -17.00 3.57 22.70
CA ILE B 12 -17.14 4.06 21.33
C ILE B 12 -17.29 5.57 21.33
N ARG B 13 -18.02 6.11 22.31
CA ARG B 13 -18.15 7.56 22.42
C ARG B 13 -16.81 8.23 22.66
N ARG B 14 -15.96 7.67 23.53
CA ARG B 14 -14.63 8.22 23.73
C ARG B 14 -13.77 8.13 22.47
N LEU B 15 -13.85 7.00 21.77
CA LEU B 15 -13.11 6.85 20.51
C LEU B 15 -13.56 7.87 19.48
N ALA B 16 -14.86 8.18 19.44
CA ALA B 16 -15.36 9.22 18.55
C ALA B 16 -14.93 10.61 18.99
N ARG B 17 -14.93 10.87 20.31
CA ARG B 17 -14.48 12.14 20.83
C ARG B 17 -13.01 12.40 20.53
N ARG B 18 -12.18 11.36 20.53
CA ARG B 18 -10.80 11.54 20.10
C ARG B 18 -10.71 11.84 18.61
N GLY B 19 -11.66 11.36 17.82
CA GLY B 19 -11.73 11.66 16.41
C GLY B 19 -12.35 13.01 16.09
N GLY B 20 -12.78 13.76 17.10
CA GLY B 20 -13.38 15.06 16.89
C GLY B 20 -14.88 15.07 16.67
N VAL B 21 -15.56 13.97 16.98
CA VAL B 21 -16.99 13.87 16.71
C VAL B 21 -17.76 14.58 17.81
N LYS B 22 -18.73 15.40 17.41
CA LYS B 22 -19.53 16.17 18.36
C LYS B 22 -20.84 15.47 18.72
N ARG B 23 -21.57 14.97 17.74
CA ARG B 23 -22.81 14.23 17.98
C ARG B 23 -22.71 12.86 17.34
N ILE B 24 -23.29 11.88 18.02
CA ILE B 24 -23.25 10.48 17.58
C ILE B 24 -24.68 9.97 17.48
N SER B 25 -25.01 9.40 16.33
CA SER B 25 -26.32 8.80 16.15
C SER B 25 -26.42 7.51 16.97
N GLY B 26 -27.64 7.12 17.29
CA GLY B 26 -27.90 5.96 18.12
C GLY B 26 -27.61 4.62 17.47
N LEU B 27 -27.43 4.59 16.15
CA LEU B 27 -27.07 3.37 15.44
C LEU B 27 -25.59 3.28 15.14
N ILE B 28 -24.80 4.28 15.55
CA ILE B 28 -23.37 4.27 15.27
C ILE B 28 -22.64 3.19 16.06
N TYR B 29 -23.15 2.86 17.25
CA TYR B 29 -22.43 1.92 18.12
C TYR B 29 -22.38 0.52 17.53
N GLU B 30 -23.49 0.04 16.99
CA GLU B 30 -23.49 -1.29 16.38
C GLU B 30 -22.70 -1.33 15.08
N GLU B 31 -22.78 -0.28 14.27
CA GLU B 31 -21.94 -0.20 13.08
C GLU B 31 -20.45 -0.20 13.44
N THR B 32 -20.08 0.55 14.47
CA THR B 32 -18.70 0.55 14.94
C THR B 32 -18.28 -0.82 15.45
N ARG B 33 -19.18 -1.51 16.15
CA ARG B 33 -18.88 -2.86 16.62
C ARG B 33 -18.62 -3.79 15.44
N GLY B 34 -19.45 -3.72 14.40
CA GLY B 34 -19.20 -4.51 13.21
C GLY B 34 -17.89 -4.18 12.52
N VAL B 35 -17.57 -2.89 12.39
CA VAL B 35 -16.32 -2.49 11.76
C VAL B 35 -15.12 -3.00 12.56
N LEU B 36 -15.16 -2.84 13.90
CA LEU B 36 -14.08 -3.33 14.74
C LEU B 36 -13.96 -4.85 14.64
N LYS B 37 -15.09 -5.55 14.58
CA LYS B 37 -15.06 -7.00 14.45
C LYS B 37 -14.38 -7.43 13.16
N VAL B 38 -14.71 -6.76 12.05
CA VAL B 38 -14.07 -7.08 10.78
C VAL B 38 -12.57 -6.78 10.82
N PHE B 39 -12.16 -5.62 11.33
CA PHE B 39 -10.75 -5.30 11.42
C PHE B 39 -9.98 -6.30 12.27
N LEU B 40 -10.53 -6.62 13.46
CA LEU B 40 -9.88 -7.59 14.33
C LEU B 40 -9.79 -8.96 13.69
N GLU B 41 -10.85 -9.40 13.01
CA GLU B 41 -10.79 -10.70 12.35
C GLU B 41 -9.69 -10.73 11.30
N ASN B 42 -9.62 -9.68 10.47
CA ASN B 42 -8.60 -9.63 9.44
C ASN B 42 -7.19 -9.57 9.99
N VAL B 43 -6.97 -8.94 11.15
CA VAL B 43 -5.62 -8.88 11.72
C VAL B 43 -5.27 -10.17 12.46
N ILE B 44 -6.17 -10.73 13.26
CA ILE B 44 -5.89 -11.91 14.05
C ILE B 44 -5.83 -13.16 13.18
N ARG B 45 -6.43 -13.13 12.00
CA ARG B 45 -6.26 -14.24 11.08
C ARG B 45 -4.83 -14.32 10.54
N ASP B 46 -4.26 -13.21 10.11
CA ASP B 46 -2.86 -13.17 9.71
C ASP B 46 -1.92 -13.41 10.89
N ALA B 47 -2.25 -12.90 12.07
CA ALA B 47 -1.41 -13.17 13.25
C ALA B 47 -1.38 -14.65 13.57
N VAL B 48 -2.53 -15.32 13.53
CA VAL B 48 -2.56 -16.76 13.77
C VAL B 48 -1.86 -17.52 12.64
N THR B 49 -1.98 -17.06 11.40
CA THR B 49 -1.25 -17.71 10.31
C THR B 49 0.26 -17.62 10.54
N TYR B 50 0.75 -16.45 10.97
CA TYR B 50 2.15 -16.31 11.34
C TYR B 50 2.52 -17.19 12.53
N THR B 51 1.60 -17.37 13.48
CA THR B 51 1.88 -18.17 14.67
C THR B 51 2.01 -19.66 14.35
N GLU B 52 1.09 -20.22 13.57
CA GLU B 52 1.17 -21.65 13.26
C GLU B 52 2.25 -21.98 12.22
N HIS B 53 2.79 -20.99 11.52
CA HIS B 53 3.95 -21.25 10.67
C HIS B 53 5.23 -21.43 11.47
N ALA B 54 5.30 -20.88 12.68
CA ALA B 54 6.42 -21.09 13.58
C ALA B 54 6.21 -22.30 14.47
N LYS B 55 5.17 -23.09 14.22
CA LYS B 55 4.81 -24.25 15.06
C LYS B 55 4.63 -23.84 16.51
N ARG B 56 4.05 -22.66 16.73
CA ARG B 56 3.84 -22.11 18.06
C ARG B 56 2.35 -22.14 18.41
N LYS B 57 2.07 -22.10 19.70
CA LYS B 57 0.71 -21.98 20.19
C LYS B 57 0.42 -20.65 20.87
N THR B 58 1.45 -19.86 21.15
CA THR B 58 1.29 -18.53 21.73
C THR B 58 1.40 -17.48 20.63
N VAL B 59 0.39 -16.62 20.52
CA VAL B 59 0.44 -15.52 19.58
C VAL B 59 1.32 -14.42 20.17
N THR B 60 2.32 -13.99 19.41
CA THR B 60 3.37 -13.11 19.86
C THR B 60 3.12 -11.69 19.33
N ALA B 61 3.57 -10.70 20.10
CA ALA B 61 3.46 -9.32 19.66
C ALA B 61 4.11 -9.11 18.30
N MET B 62 5.15 -9.89 17.99
CA MET B 62 5.75 -9.82 16.66
C MET B 62 4.81 -10.36 15.60
N ASP B 63 4.05 -11.41 15.92
CA ASP B 63 3.02 -11.88 14.99
C ASP B 63 2.00 -10.80 14.69
N VAL B 64 1.52 -10.10 15.72
CA VAL B 64 0.57 -9.00 15.52
C VAL B 64 1.20 -7.87 14.71
N VAL B 65 2.45 -7.51 15.01
CA VAL B 65 3.11 -6.44 14.28
C VAL B 65 3.27 -6.80 12.81
N TYR B 66 3.64 -8.06 12.52
CA TYR B 66 3.77 -8.50 11.14
C TYR B 66 2.42 -8.56 10.43
N ALA B 67 1.39 -9.05 11.11
CA ALA B 67 0.05 -9.08 10.53
C ALA B 67 -0.47 -7.68 10.24
N LEU B 68 -0.08 -6.69 11.05
CA LEU B 68 -0.43 -5.30 10.77
C LEU B 68 0.43 -4.71 9.66
N LYS B 69 1.71 -5.08 9.61
CA LYS B 69 2.60 -4.55 8.57
C LYS B 69 2.11 -4.90 7.17
N ARG B 70 1.49 -6.07 7.01
CA ARG B 70 1.09 -6.52 5.69
C ARG B 70 -0.25 -5.94 5.24
N GLN B 71 -0.98 -5.25 6.11
CA GLN B 71 -2.18 -4.54 5.73
C GLN B 71 -1.94 -3.04 5.57
N GLY B 72 -0.69 -2.61 5.57
CA GLY B 72 -0.37 -1.20 5.45
C GLY B 72 -0.44 -0.40 6.73
N ARG B 73 -0.64 -1.04 7.87
CA ARG B 73 -0.68 -0.36 9.17
C ARG B 73 0.55 -0.80 9.96
N THR B 74 1.61 -0.02 9.85
CA THR B 74 2.84 -0.32 10.58
C THR B 74 2.74 0.20 12.01
N LEU B 75 3.10 -0.66 12.96
CA LEU B 75 2.98 -0.37 14.38
C LEU B 75 4.36 -0.16 14.99
N TYR B 76 4.55 0.96 15.66
CA TYR B 76 5.80 1.31 16.32
C TYR B 76 5.66 1.13 17.82
N GLY B 77 6.62 0.42 18.43
CA GLY B 77 6.65 0.32 19.88
C GLY B 77 6.77 -1.08 20.42
N PHE B 78 6.20 -2.06 19.72
CA PHE B 78 6.15 -3.44 20.20
C PHE B 78 7.21 -4.31 19.52
N GLY B 79 8.38 -3.72 19.23
CA GLY B 79 9.46 -4.46 18.61
C GLY B 79 9.74 -4.01 17.18
N ALA C 1 14.66 -37.59 -18.78
CA ALA C 1 13.57 -37.83 -19.71
C ALA C 1 12.38 -36.94 -19.39
N LYS C 2 11.61 -37.33 -18.38
CA LYS C 2 10.39 -36.60 -18.04
C LYS C 2 10.73 -35.22 -17.48
N SER C 3 9.79 -34.30 -17.68
CA SER C 3 9.89 -32.97 -17.10
C SER C 3 9.27 -32.96 -15.71
N ARG C 4 9.77 -32.08 -14.85
CA ARG C 4 9.27 -31.98 -13.49
C ARG C 4 7.91 -31.29 -13.41
N SER C 5 7.46 -30.65 -14.50
CA SER C 5 6.07 -30.22 -14.59
C SER C 5 5.14 -31.39 -14.93
N SER C 6 5.55 -32.25 -15.88
CA SER C 6 4.76 -33.44 -16.18
C SER C 6 4.78 -34.43 -15.02
N ARG C 7 5.84 -34.43 -14.23
CA ARG C 7 5.90 -35.24 -13.02
C ARG C 7 4.90 -34.77 -11.97
N ALA C 8 4.52 -33.49 -11.98
CA ALA C 8 3.60 -32.93 -11.01
C ALA C 8 2.20 -32.70 -11.56
N GLY C 9 1.95 -32.98 -12.84
CA GLY C 9 0.66 -32.74 -13.43
C GLY C 9 0.39 -31.29 -13.81
N LEU C 10 1.42 -30.48 -13.96
CA LEU C 10 1.28 -29.05 -14.21
C LEU C 10 1.53 -28.74 -15.69
N GLN C 11 0.94 -27.64 -16.14
CA GLN C 11 1.29 -27.04 -17.41
C GLN C 11 2.24 -25.86 -17.29
N PHE C 12 2.30 -25.22 -16.12
CA PHE C 12 3.27 -24.18 -15.86
C PHE C 12 4.63 -24.81 -15.54
N PRO C 13 5.72 -24.13 -15.87
CA PRO C 13 7.05 -24.73 -15.67
C PRO C 13 7.48 -24.66 -14.22
N VAL C 14 8.05 -25.76 -13.73
CA VAL C 14 8.65 -25.77 -12.40
C VAL C 14 10.17 -25.61 -12.47
N GLY C 15 10.80 -25.97 -13.58
CA GLY C 15 12.21 -25.67 -13.76
C GLY C 15 12.46 -24.18 -13.87
N ARG C 16 11.64 -23.50 -14.67
CA ARG C 16 11.77 -22.06 -14.80
C ARG C 16 11.45 -21.34 -13.50
N VAL C 17 10.41 -21.78 -12.79
CA VAL C 17 10.07 -21.18 -11.50
C VAL C 17 11.16 -21.45 -10.48
N HIS C 18 11.76 -22.63 -10.52
CA HIS C 18 12.91 -22.93 -9.65
C HIS C 18 14.07 -21.98 -9.94
N ARG C 19 14.38 -21.76 -11.22
CA ARG C 19 15.48 -20.87 -11.56
C ARG C 19 15.18 -19.43 -11.17
N LEU C 20 13.93 -18.99 -11.35
CA LEU C 20 13.50 -17.67 -10.90
C LEU C 20 13.58 -17.50 -9.40
N LEU C 21 13.23 -18.54 -8.63
CA LEU C 21 13.34 -18.49 -7.18
C LEU C 21 14.79 -18.44 -6.73
N ARG C 22 15.66 -19.23 -7.36
CA ARG C 22 17.08 -19.23 -7.01
C ARG C 22 17.73 -17.90 -7.37
N LYS C 23 17.43 -17.36 -8.56
CA LYS C 23 18.05 -16.13 -9.01
C LYS C 23 17.46 -14.90 -8.36
N GLY C 24 16.21 -14.97 -7.89
CA GLY C 24 15.52 -13.81 -7.36
C GLY C 24 16.01 -13.34 -6.02
N ASN C 25 16.88 -14.10 -5.35
CA ASN C 25 17.46 -13.73 -4.06
C ASN C 25 16.38 -13.56 -3.00
N TYR C 26 15.60 -14.60 -2.75
CA TYR C 26 14.62 -14.61 -1.68
C TYR C 26 15.08 -15.35 -0.44
N ALA C 27 15.97 -16.33 -0.61
CA ALA C 27 16.55 -17.06 0.51
C ALA C 27 17.88 -17.61 0.05
N GLU C 28 18.69 -18.03 1.03
CA GLU C 28 19.98 -18.63 0.70
C GLU C 28 19.81 -19.93 -0.07
N ARG C 29 18.78 -20.70 0.27
CA ARG C 29 18.49 -21.97 -0.38
C ARG C 29 17.01 -22.04 -0.76
N VAL C 30 16.71 -22.91 -1.71
CA VAL C 30 15.33 -23.13 -2.17
C VAL C 30 15.06 -24.63 -2.11
N GLY C 31 13.93 -25.02 -1.52
CA GLY C 31 13.57 -26.42 -1.44
C GLY C 31 13.29 -27.07 -2.78
N ALA C 32 12.87 -28.33 -2.76
CA ALA C 32 12.59 -29.08 -3.97
C ALA C 32 11.08 -29.26 -4.13
N GLY C 33 10.33 -28.51 -3.32
CA GLY C 33 8.89 -28.53 -3.41
C GLY C 33 8.33 -27.12 -3.56
N ALA C 34 9.16 -26.12 -3.29
CA ALA C 34 8.75 -24.74 -3.51
C ALA C 34 8.42 -24.43 -4.96
N PRO C 35 9.26 -24.79 -5.95
CA PRO C 35 8.86 -24.54 -7.34
C PRO C 35 7.60 -25.28 -7.75
N VAL C 36 7.43 -26.53 -7.32
CA VAL C 36 6.22 -27.28 -7.69
C VAL C 36 4.99 -26.61 -7.10
N TYR C 37 5.03 -26.24 -5.81
CA TYR C 37 3.91 -25.55 -5.18
C TYR C 37 3.60 -24.22 -5.85
N MET C 38 4.63 -23.41 -6.11
CA MET C 38 4.41 -22.11 -6.72
C MET C 38 3.86 -22.23 -8.13
N ALA C 39 4.38 -23.17 -8.92
CA ALA C 39 3.86 -23.39 -10.26
C ALA C 39 2.42 -23.87 -10.23
N ALA C 40 2.07 -24.76 -9.29
CA ALA C 40 0.69 -25.18 -9.16
C ALA C 40 -0.23 -24.02 -8.81
N VAL C 41 0.18 -23.16 -7.87
CA VAL C 41 -0.65 -22.02 -7.49
C VAL C 41 -0.81 -21.05 -8.66
N LEU C 42 0.28 -20.75 -9.36
CA LEU C 42 0.20 -19.85 -10.51
C LEU C 42 -0.68 -20.42 -11.61
N GLU C 43 -0.57 -21.73 -11.89
CA GLU C 43 -1.45 -22.35 -12.87
C GLU C 43 -2.91 -22.30 -12.44
N TYR C 44 -3.19 -22.52 -11.16
CA TYR C 44 -4.57 -22.44 -10.69
C TYR C 44 -5.14 -21.05 -10.88
N LEU C 45 -4.38 -20.01 -10.51
CA LEU C 45 -4.89 -18.65 -10.69
C LEU C 45 -5.05 -18.30 -12.16
N THR C 46 -4.11 -18.72 -13.01
CA THR C 46 -4.24 -18.49 -14.44
C THR C 46 -5.49 -19.17 -15.00
N ALA C 47 -5.72 -20.41 -14.59
CA ALA C 47 -6.90 -21.17 -15.01
C ALA C 47 -8.19 -20.54 -14.55
N GLU C 48 -8.24 -20.00 -13.34
CA GLU C 48 -9.41 -19.27 -12.87
C GLU C 48 -9.69 -18.02 -13.68
N ILE C 49 -8.69 -17.15 -13.84
CA ILE C 49 -8.90 -15.90 -14.57
C ILE C 49 -9.26 -16.18 -16.02
N LEU C 50 -8.58 -17.13 -16.65
CA LEU C 50 -8.90 -17.49 -18.03
C LEU C 50 -10.27 -18.13 -18.17
N GLU C 51 -10.67 -19.00 -17.24
CA GLU C 51 -12.00 -19.59 -17.32
C GLU C 51 -13.10 -18.55 -17.18
N LEU C 52 -12.88 -17.52 -16.35
CA LEU C 52 -13.87 -16.46 -16.27
C LEU C 52 -13.82 -15.51 -17.47
N ALA C 53 -12.63 -15.22 -18.00
CA ALA C 53 -12.48 -14.34 -19.16
C ALA C 53 -13.03 -14.96 -20.44
N GLY C 54 -12.86 -16.26 -20.64
CA GLY C 54 -13.46 -16.93 -21.76
C GLY C 54 -14.97 -16.97 -21.71
N ASN C 55 -15.56 -16.93 -20.52
CA ASN C 55 -16.99 -16.74 -20.35
C ASN C 55 -17.43 -15.32 -20.62
N ALA C 56 -16.64 -14.33 -20.17
CA ALA C 56 -16.96 -12.93 -20.49
C ALA C 56 -16.92 -12.69 -22.00
N ALA C 57 -15.94 -13.29 -22.68
CA ALA C 57 -15.87 -13.18 -24.12
C ALA C 57 -17.07 -13.82 -24.81
N ARG C 58 -17.50 -14.98 -24.32
CA ARG C 58 -18.59 -15.72 -24.95
C ARG C 58 -19.93 -15.01 -24.79
N ASP C 59 -20.14 -14.32 -23.66
CA ASP C 59 -21.37 -13.55 -23.49
C ASP C 59 -21.46 -12.41 -24.49
N ASN C 60 -20.32 -11.81 -24.83
CA ASN C 60 -20.13 -10.74 -25.81
C ASN C 60 -20.20 -11.29 -27.27
N LYS C 61 -20.14 -12.63 -27.35
CA LYS C 61 -20.09 -13.38 -28.61
C LYS C 61 -18.79 -13.07 -29.37
N LYS C 62 -17.68 -13.41 -28.74
CA LYS C 62 -16.36 -13.32 -29.35
C LYS C 62 -15.60 -14.60 -29.07
N THR C 63 -14.81 -15.04 -30.04
CA THR C 63 -14.00 -16.25 -29.92
C THR C 63 -12.55 -15.90 -29.57
N ARG C 64 -12.36 -14.74 -28.95
CA ARG C 64 -11.05 -14.26 -28.55
C ARG C 64 -11.18 -13.66 -27.15
N ILE C 65 -10.04 -13.45 -26.49
CA ILE C 65 -10.01 -12.77 -25.21
C ILE C 65 -9.21 -11.48 -25.35
N ILE C 66 -9.83 -10.37 -24.96
CA ILE C 66 -9.19 -9.06 -24.99
C ILE C 66 -9.10 -8.54 -23.57
N PRO C 67 -8.28 -7.51 -23.32
CA PRO C 67 -8.15 -6.98 -21.95
C PRO C 67 -9.47 -6.60 -21.29
N ARG C 68 -10.44 -6.19 -22.11
CA ARG C 68 -11.77 -5.87 -21.58
C ARG C 68 -12.41 -7.10 -20.95
N HIS C 69 -12.25 -8.26 -21.59
CA HIS C 69 -12.81 -9.49 -21.04
C HIS C 69 -12.13 -9.87 -19.72
N LEU C 70 -10.81 -9.68 -19.63
CA LEU C 70 -10.12 -9.93 -18.37
C LEU C 70 -10.60 -8.98 -17.27
N GLN C 71 -10.82 -7.70 -17.57
CA GLN C 71 -11.36 -6.79 -16.56
C GLN C 71 -12.76 -7.21 -16.14
N LEU C 72 -13.61 -7.58 -17.11
CA LEU C 72 -14.95 -8.05 -16.80
C LEU C 72 -14.94 -9.31 -15.95
N ALA C 73 -13.98 -10.21 -16.15
CA ALA C 73 -13.82 -11.39 -15.34
C ALA C 73 -13.26 -11.12 -13.95
N ILE C 74 -12.38 -10.13 -13.82
CA ILE C 74 -11.76 -9.86 -12.53
C ILE C 74 -12.68 -9.06 -11.62
N ARG C 75 -13.20 -7.93 -12.12
CA ARG C 75 -14.00 -7.06 -11.27
C ARG C 75 -15.38 -7.65 -10.93
N ASN C 76 -15.83 -8.65 -11.67
CA ASN C 76 -17.12 -9.29 -11.40
C ASN C 76 -16.98 -10.48 -10.47
N ASP C 77 -15.77 -10.84 -10.07
CA ASP C 77 -15.53 -11.93 -9.12
C ASP C 77 -15.01 -11.33 -7.82
N GLU C 78 -15.66 -11.70 -6.71
CA GLU C 78 -15.38 -11.05 -5.43
C GLU C 78 -13.95 -11.26 -4.96
N GLU C 79 -13.40 -12.46 -5.15
CA GLU C 79 -12.07 -12.78 -4.65
C GLU C 79 -10.95 -12.29 -5.55
N LEU C 80 -11.07 -12.44 -6.86
CA LEU C 80 -10.10 -11.88 -7.78
C LEU C 80 -10.10 -10.35 -7.77
N ASN C 81 -11.23 -9.73 -7.40
CA ASN C 81 -11.25 -8.28 -7.24
C ASN C 81 -10.47 -7.85 -6.00
N LYS C 82 -10.59 -8.58 -4.90
CA LYS C 82 -9.80 -8.27 -3.72
C LYS C 82 -8.32 -8.55 -3.94
N LEU C 83 -8.00 -9.62 -4.67
CA LEU C 83 -6.61 -9.91 -4.98
C LEU C 83 -6.01 -8.86 -5.90
N LEU C 84 -6.69 -8.55 -7.00
CA LEU C 84 -6.26 -7.53 -7.93
C LEU C 84 -7.04 -6.23 -7.68
N GLY C 85 -6.84 -5.67 -6.50
CA GLY C 85 -7.55 -4.47 -6.11
C GLY C 85 -6.74 -3.19 -6.25
N LYS C 86 -5.43 -3.33 -6.39
CA LYS C 86 -4.54 -2.19 -6.65
C LYS C 86 -3.94 -2.27 -8.04
N VAL C 87 -4.61 -2.96 -8.96
CA VAL C 87 -4.08 -3.25 -10.29
C VAL C 87 -4.88 -2.50 -11.33
N THR C 88 -4.19 -1.83 -12.24
CA THR C 88 -4.79 -1.23 -13.42
C THR C 88 -4.57 -2.14 -14.63
N ILE C 89 -5.65 -2.46 -15.32
CA ILE C 89 -5.59 -3.27 -16.53
C ILE C 89 -5.68 -2.35 -17.74
N ALA C 90 -4.66 -2.38 -18.59
CA ALA C 90 -4.60 -1.48 -19.73
C ALA C 90 -5.68 -1.83 -20.74
N GLN C 91 -6.41 -0.81 -21.22
CA GLN C 91 -7.51 -0.99 -22.16
C GLN C 91 -8.57 -1.94 -21.60
N GLY C 92 -8.83 -1.84 -20.29
CA GLY C 92 -9.79 -2.72 -19.66
C GLY C 92 -11.12 -2.07 -19.37
N GLY C 93 -11.16 -0.74 -19.38
CA GLY C 93 -12.40 -0.03 -19.11
C GLY C 93 -12.84 -0.20 -17.66
N VAL C 94 -14.15 -0.11 -17.45
CA VAL C 94 -14.75 -0.21 -16.12
C VAL C 94 -15.96 -1.13 -16.20
N LEU C 95 -16.43 -1.56 -15.02
CA LEU C 95 -17.69 -2.28 -14.90
C LEU C 95 -18.83 -1.31 -15.16
N PRO C 96 -19.76 -1.62 -16.07
CA PRO C 96 -20.92 -0.75 -16.27
C PRO C 96 -21.76 -0.63 -15.01
N ASN C 97 -21.82 0.57 -14.43
CA ASN C 97 -22.50 0.76 -13.15
C ASN C 97 -22.93 2.22 -13.08
N ILE C 98 -24.23 2.43 -12.92
CA ILE C 98 -24.82 3.76 -12.74
C ILE C 98 -25.58 3.76 -11.43
N GLN C 99 -25.31 4.75 -10.58
CA GLN C 99 -26.00 4.84 -9.30
C GLN C 99 -27.50 5.06 -9.51
N ALA C 100 -28.29 4.43 -8.64
CA ALA C 100 -29.74 4.40 -8.81
C ALA C 100 -30.40 5.76 -8.70
N VAL C 101 -29.81 6.69 -7.93
CA VAL C 101 -30.42 8.01 -7.79
C VAL C 101 -30.29 8.79 -9.10
N LEU C 102 -29.27 8.50 -9.91
CA LEU C 102 -29.06 9.23 -11.15
C LEU C 102 -30.07 8.84 -12.22
N LEU C 103 -30.53 7.59 -12.21
CA LEU C 103 -31.50 7.11 -13.19
C LEU C 103 -32.84 7.81 -13.00
N PRO C 104 -33.61 7.99 -14.08
CA PRO C 104 -34.93 8.65 -13.98
C PRO C 104 -36.06 7.65 -13.75
N LYS D 1 12.28 -11.67 -24.37
CA LYS D 1 13.00 -12.81 -23.84
C LYS D 1 12.04 -13.92 -23.42
N GLU D 2 12.01 -14.21 -22.11
CA GLU D 2 11.14 -15.23 -21.58
C GLU D 2 9.80 -14.65 -21.14
N SER D 3 8.78 -15.49 -21.17
CA SER D 3 7.44 -15.14 -20.71
C SER D 3 6.67 -16.42 -20.47
N TYR D 4 5.44 -16.27 -19.97
CA TYR D 4 4.56 -17.40 -19.68
C TYR D 4 3.52 -17.61 -20.78
N SER D 5 3.75 -17.04 -21.96
CA SER D 5 2.75 -17.09 -23.02
C SER D 5 2.38 -18.52 -23.41
N VAL D 6 3.38 -19.39 -23.53
CA VAL D 6 3.13 -20.78 -23.89
C VAL D 6 2.26 -21.48 -22.85
N TYR D 7 2.57 -21.31 -21.57
CA TYR D 7 1.83 -21.96 -20.51
C TYR D 7 0.44 -21.37 -20.30
N VAL D 8 0.31 -20.05 -20.42
CA VAL D 8 -1.02 -19.45 -20.37
C VAL D 8 -1.88 -19.97 -21.52
N TYR D 9 -1.28 -20.09 -22.71
CA TYR D 9 -2.04 -20.63 -23.84
C TYR D 9 -2.41 -22.09 -23.64
N LYS D 10 -1.52 -22.88 -23.05
CA LYS D 10 -1.86 -24.28 -22.76
C LYS D 10 -3.02 -24.38 -21.77
N VAL D 11 -2.98 -23.61 -20.69
CA VAL D 11 -4.09 -23.60 -19.74
C VAL D 11 -5.37 -23.11 -20.41
N LEU D 12 -5.28 -22.12 -21.29
CA LEU D 12 -6.47 -21.63 -21.99
C LEU D 12 -7.06 -22.72 -22.89
N LYS D 13 -6.22 -23.37 -23.69
CA LYS D 13 -6.70 -24.41 -24.59
C LYS D 13 -7.23 -25.61 -23.83
N GLN D 14 -6.81 -25.80 -22.57
CA GLN D 14 -7.36 -26.89 -21.77
C GLN D 14 -8.57 -26.48 -20.95
N VAL D 15 -8.81 -25.18 -20.75
CA VAL D 15 -9.95 -24.71 -19.97
C VAL D 15 -11.04 -24.21 -20.90
N HIS D 16 -10.65 -23.78 -22.11
CA HIS D 16 -11.59 -23.26 -23.10
C HIS D 16 -11.04 -23.66 -24.46
N PRO D 17 -11.39 -24.85 -24.97
CA PRO D 17 -10.72 -25.37 -26.17
C PRO D 17 -10.85 -24.50 -27.40
N ASP D 18 -11.97 -23.80 -27.57
CA ASP D 18 -12.23 -23.07 -28.81
C ASP D 18 -12.06 -21.56 -28.66
N THR D 19 -11.64 -21.08 -27.49
CA THR D 19 -11.43 -19.66 -27.30
C THR D 19 -9.95 -19.33 -27.43
N GLY D 20 -9.66 -18.33 -28.25
CA GLY D 20 -8.31 -17.83 -28.38
C GLY D 20 -8.07 -16.62 -27.50
N ILE D 21 -6.95 -15.95 -27.72
CA ILE D 21 -6.51 -14.85 -26.88
C ILE D 21 -5.68 -13.89 -27.72
N SER D 22 -5.87 -12.60 -27.49
CA SER D 22 -5.16 -11.57 -28.23
C SER D 22 -3.78 -11.34 -27.62
N SER D 23 -2.94 -10.62 -28.37
CA SER D 23 -1.59 -10.30 -27.92
C SER D 23 -1.59 -9.36 -26.72
N LYS D 24 -2.59 -8.48 -26.61
CA LYS D 24 -2.68 -7.58 -25.47
C LYS D 24 -3.12 -8.29 -24.20
N ALA D 25 -4.06 -9.23 -24.32
CA ALA D 25 -4.49 -10.00 -23.15
C ALA D 25 -3.36 -10.90 -22.64
N MET D 26 -2.53 -11.44 -23.55
CA MET D 26 -1.35 -12.18 -23.10
C MET D 26 -0.34 -11.32 -22.37
N GLY D 27 -0.11 -10.08 -22.80
CA GLY D 27 0.80 -9.24 -22.06
C GLY D 27 0.28 -9.02 -20.65
N ILE D 28 -1.03 -8.85 -20.54
CA ILE D 28 -1.66 -8.70 -19.24
C ILE D 28 -1.54 -9.95 -18.39
N MET D 29 -1.73 -11.14 -18.96
CA MET D 29 -1.55 -12.37 -18.20
C MET D 29 -0.10 -12.62 -17.79
N ASN D 30 0.87 -12.25 -18.64
CA ASN D 30 2.26 -12.31 -18.21
C ASN D 30 2.54 -11.36 -17.05
N SER D 31 2.01 -10.13 -17.12
CA SER D 31 2.14 -9.21 -15.99
C SER D 31 1.48 -9.78 -14.74
N PHE D 32 0.32 -10.43 -14.89
CA PHE D 32 -0.37 -11.04 -13.76
C PHE D 32 0.48 -12.14 -13.12
N VAL D 33 1.00 -13.06 -13.93
CA VAL D 33 1.79 -14.17 -13.40
C VAL D 33 3.05 -13.64 -12.72
N ASN D 34 3.73 -12.68 -13.35
CA ASN D 34 4.91 -12.09 -12.72
C ASN D 34 4.58 -11.39 -11.40
N ASP D 35 3.49 -10.63 -11.36
CA ASP D 35 3.03 -9.97 -10.15
C ASP D 35 2.79 -10.97 -9.01
N ILE D 36 2.02 -12.02 -9.29
CA ILE D 36 1.67 -12.97 -8.24
C ILE D 36 2.89 -13.78 -7.82
N PHE D 37 3.77 -14.14 -8.76
CA PHE D 37 5.01 -14.81 -8.40
C PHE D 37 5.82 -13.95 -7.45
N GLU D 38 6.01 -12.67 -7.79
CA GLU D 38 6.80 -11.81 -6.92
C GLU D 38 6.15 -11.63 -5.55
N ARG D 39 4.83 -11.50 -5.48
CA ARG D 39 4.16 -11.41 -4.18
C ARG D 39 4.35 -12.65 -3.33
N ILE D 40 4.07 -13.84 -3.89
CA ILE D 40 4.23 -15.07 -3.12
C ILE D 40 5.67 -15.27 -2.70
N ALA D 41 6.63 -15.04 -3.61
CA ALA D 41 8.03 -15.21 -3.30
C ALA D 41 8.51 -14.24 -2.22
N GLY D 42 8.10 -12.97 -2.29
CA GLY D 42 8.48 -12.04 -1.25
C GLY D 42 7.89 -12.38 0.11
N GLU D 43 6.63 -12.79 0.15
CA GLU D 43 6.06 -13.20 1.43
C GLU D 43 6.75 -14.44 1.98
N ALA D 44 7.08 -15.40 1.12
CA ALA D 44 7.82 -16.58 1.58
C ALA D 44 9.22 -16.20 2.06
N SER D 45 9.88 -15.26 1.40
CA SER D 45 11.18 -14.79 1.86
C SER D 45 11.09 -14.16 3.24
N ARG D 46 10.06 -13.33 3.46
CA ARG D 46 9.88 -12.75 4.79
C ARG D 46 9.58 -13.81 5.84
N LEU D 47 8.77 -14.82 5.49
CA LEU D 47 8.50 -15.90 6.43
C LEU D 47 9.78 -16.65 6.79
N ALA D 48 10.62 -16.94 5.80
CA ALA D 48 11.88 -17.61 6.07
C ALA D 48 12.78 -16.77 6.95
N HIS D 49 12.85 -15.46 6.68
N HIS D 49 12.87 -15.46 6.66
CA HIS D 49 13.69 -14.59 7.50
CA HIS D 49 13.67 -14.56 7.49
C HIS D 49 13.10 -14.39 8.89
C HIS D 49 13.09 -14.43 8.89
N TYR D 50 11.77 -14.36 9.01
CA TYR D 50 11.14 -14.19 10.32
C TYR D 50 11.46 -15.34 11.26
N ASN D 51 11.49 -16.56 10.74
CA ASN D 51 11.74 -17.75 11.54
C ASN D 51 13.20 -18.19 11.51
N LYS D 52 14.09 -17.32 11.05
CA LYS D 52 15.54 -17.58 11.03
C LYS D 52 15.87 -18.84 10.24
N ARG D 53 15.15 -19.06 9.16
CA ARG D 53 15.40 -20.16 8.24
C ARG D 53 16.10 -19.63 6.98
N SER D 54 17.05 -20.41 6.49
CA SER D 54 17.82 -20.04 5.30
C SER D 54 17.37 -20.81 4.06
N THR D 55 16.15 -21.32 4.04
CA THR D 55 15.63 -22.03 2.89
C THR D 55 14.14 -21.74 2.72
N ILE D 56 13.73 -21.52 1.48
CA ILE D 56 12.31 -21.40 1.14
C ILE D 56 11.80 -22.78 0.74
N THR D 57 10.80 -23.28 1.46
CA THR D 57 10.29 -24.62 1.23
C THR D 57 8.84 -24.58 0.78
N SER D 58 8.22 -25.75 0.68
CA SER D 58 6.81 -25.81 0.28
C SER D 58 5.91 -25.17 1.34
N ARG D 59 6.25 -25.33 2.62
CA ARG D 59 5.42 -24.77 3.68
C ARG D 59 5.43 -23.26 3.69
N GLU D 60 6.58 -22.63 3.42
CA GLU D 60 6.61 -21.18 3.28
C GLU D 60 5.77 -20.68 2.12
N ILE D 61 5.80 -21.38 0.98
CA ILE D 61 4.94 -21.01 -0.14
C ILE D 61 3.47 -21.17 0.24
N GLN D 62 3.13 -22.25 0.94
CA GLN D 62 1.74 -22.43 1.36
C GLN D 62 1.28 -21.34 2.33
N THR D 63 2.13 -20.97 3.28
CA THR D 63 1.77 -19.92 4.22
C THR D 63 1.65 -18.56 3.51
N ALA D 64 2.53 -18.31 2.53
CA ALA D 64 2.40 -17.10 1.74
C ALA D 64 1.10 -17.09 0.95
N VAL D 65 0.71 -18.23 0.39
CA VAL D 65 -0.55 -18.33 -0.33
C VAL D 65 -1.72 -18.05 0.61
N ARG D 66 -1.68 -18.61 1.81
CA ARG D 66 -2.72 -18.35 2.80
C ARG D 66 -2.79 -16.88 3.18
N LEU D 67 -1.64 -16.22 3.33
CA LEU D 67 -1.61 -14.81 3.70
C LEU D 67 -2.11 -13.92 2.56
N LEU D 68 -1.83 -14.28 1.31
CA LEU D 68 -2.10 -13.39 0.19
C LEU D 68 -3.48 -13.62 -0.44
N LEU D 69 -3.80 -14.84 -0.84
CA LEU D 69 -5.05 -15.02 -1.59
C LEU D 69 -6.26 -14.96 -0.65
N PRO D 70 -7.35 -14.35 -1.10
CA PRO D 70 -8.51 -14.14 -0.22
C PRO D 70 -9.51 -15.28 -0.20
N GLY D 71 -9.94 -15.69 0.99
CA GLY D 71 -11.11 -16.54 1.12
C GLY D 71 -10.93 -17.92 0.52
N GLU D 72 -11.93 -18.34 -0.27
CA GLU D 72 -11.91 -19.67 -0.89
C GLU D 72 -10.82 -19.79 -1.95
N LEU D 73 -10.37 -18.67 -2.50
CA LEU D 73 -9.25 -18.69 -3.44
C LEU D 73 -8.02 -19.29 -2.78
N ALA D 74 -7.73 -18.88 -1.55
CA ALA D 74 -6.60 -19.45 -0.81
C ALA D 74 -6.80 -20.93 -0.55
N LYS D 75 -8.02 -21.35 -0.18
CA LYS D 75 -8.26 -22.76 0.10
C LYS D 75 -8.03 -23.62 -1.14
N HIS D 76 -8.60 -23.22 -2.28
CA HIS D 76 -8.41 -23.99 -3.50
C HIS D 76 -6.97 -23.95 -4.01
N ALA D 77 -6.28 -22.82 -3.90
CA ALA D 77 -4.87 -22.79 -4.30
C ALA D 77 -4.02 -23.68 -3.40
N VAL D 78 -4.29 -23.67 -2.10
CA VAL D 78 -3.57 -24.55 -1.19
C VAL D 78 -3.83 -26.01 -1.53
N SER D 79 -5.08 -26.36 -1.82
CA SER D 79 -5.39 -27.72 -2.24
C SER D 79 -4.67 -28.13 -3.51
N GLU D 80 -4.65 -27.26 -4.52
CA GLU D 80 -3.93 -27.55 -5.76
C GLU D 80 -2.42 -27.68 -5.54
N GLY D 81 -1.83 -26.80 -4.75
CA GLY D 81 -0.42 -26.89 -4.44
C GLY D 81 -0.08 -28.19 -3.74
N THR D 82 -0.88 -28.55 -2.73
CA THR D 82 -0.67 -29.81 -2.02
C THR D 82 -0.79 -31.00 -2.97
N LYS D 83 -1.81 -30.99 -3.83
CA LYS D 83 -1.98 -32.09 -4.77
C LYS D 83 -0.78 -32.22 -5.70
N ALA D 84 -0.30 -31.10 -6.24
CA ALA D 84 0.86 -31.14 -7.12
C ALA D 84 2.10 -31.63 -6.39
N VAL D 85 2.31 -31.20 -5.15
CA VAL D 85 3.51 -31.62 -4.42
C VAL D 85 3.46 -33.11 -4.10
N THR D 86 2.29 -33.63 -3.68
CA THR D 86 2.23 -35.07 -3.41
C THR D 86 2.21 -35.92 -4.68
N LYS D 87 1.79 -35.38 -5.82
CA LYS D 87 1.97 -36.09 -7.08
C LYS D 87 3.41 -36.10 -7.55
N TYR D 88 4.13 -34.99 -7.36
CA TYR D 88 5.56 -34.92 -7.71
C TYR D 88 6.40 -35.81 -6.81
N THR D 89 6.20 -35.74 -5.50
CA THR D 89 7.01 -36.50 -4.56
C THR D 89 6.69 -37.99 -4.59
N SER D 90 5.56 -38.37 -5.16
CA SER D 90 5.20 -39.78 -5.28
C SER D 90 6.11 -40.48 -6.29
N PRO E 1 -37.49 22.15 -31.97
CA PRO E 1 -37.56 20.85 -32.65
C PRO E 1 -37.53 19.67 -31.68
N HIS E 2 -36.74 18.65 -32.00
CA HIS E 2 -36.63 17.45 -31.17
C HIS E 2 -35.50 17.65 -30.16
N ARG E 3 -35.87 17.96 -28.92
CA ARG E 3 -34.93 18.18 -27.84
C ARG E 3 -35.10 17.13 -26.76
N TYR E 4 -33.98 16.66 -26.21
CA TYR E 4 -33.97 15.73 -25.10
C TYR E 4 -33.92 16.47 -23.77
N ARG E 5 -34.52 15.86 -22.75
CA ARG E 5 -34.52 16.46 -21.42
C ARG E 5 -33.09 16.48 -20.88
N PRO E 6 -32.74 17.49 -20.07
CA PRO E 6 -31.34 17.67 -19.68
C PRO E 6 -30.85 16.67 -18.65
N GLY E 7 -31.18 15.39 -18.83
CA GLY E 7 -30.56 14.33 -18.08
C GLY E 7 -30.44 13.05 -18.89
N THR E 8 -30.80 13.11 -20.16
CA THR E 8 -30.91 11.89 -20.96
C THR E 8 -29.64 11.61 -21.75
N VAL E 9 -29.12 12.61 -22.46
CA VAL E 9 -27.85 12.43 -23.16
C VAL E 9 -26.72 12.17 -22.17
N ALA E 10 -26.84 12.70 -20.95
CA ALA E 10 -25.84 12.40 -19.93
C ALA E 10 -25.81 10.92 -19.58
N LEU E 11 -26.97 10.30 -19.35
CA LEU E 11 -27.03 8.88 -19.06
C LEU E 11 -26.61 8.05 -20.26
N ARG E 12 -26.98 8.47 -21.47
CA ARG E 12 -26.55 7.75 -22.66
C ARG E 12 -25.05 7.81 -22.83
N GLU E 13 -24.43 8.96 -22.53
CA GLU E 13 -22.98 9.07 -22.54
C GLU E 13 -22.35 8.20 -21.47
N ILE E 14 -22.95 8.13 -20.28
CA ILE E 14 -22.44 7.24 -19.23
C ILE E 14 -22.44 5.80 -19.72
N ARG E 15 -23.53 5.37 -20.36
CA ARG E 15 -23.59 4.02 -20.88
C ARG E 15 -22.56 3.80 -21.99
N ARG E 16 -22.36 4.80 -22.85
CA ARG E 16 -21.43 4.66 -23.95
C ARG E 16 -19.99 4.54 -23.46
N TYR E 17 -19.58 5.42 -22.54
CA TYR E 17 -18.18 5.45 -22.11
C TYR E 17 -17.87 4.43 -21.02
N GLN E 18 -18.89 3.87 -20.38
CA GLN E 18 -18.68 2.74 -19.48
C GLN E 18 -18.66 1.41 -20.22
N LYS E 19 -18.93 1.41 -21.53
CA LYS E 19 -18.88 0.22 -22.34
C LYS E 19 -17.62 0.14 -23.20
N SER E 20 -17.01 1.28 -23.54
CA SER E 20 -15.79 1.31 -24.33
C SER E 20 -14.57 1.22 -23.42
N THR E 21 -13.41 0.95 -24.04
CA THR E 21 -12.15 0.80 -23.34
C THR E 21 -11.08 1.67 -23.98
N GLU E 22 -11.50 2.70 -24.71
CA GLU E 22 -10.57 3.58 -25.42
C GLU E 22 -9.88 4.53 -24.44
N LEU E 23 -9.13 5.48 -24.97
CA LEU E 23 -8.51 6.52 -24.16
C LEU E 23 -9.28 7.80 -24.41
N LEU E 24 -9.74 8.44 -23.34
CA LEU E 24 -10.64 9.59 -23.45
C LEU E 24 -9.91 10.92 -23.57
N ILE E 25 -8.58 10.94 -23.40
CA ILE E 25 -7.80 12.15 -23.57
C ILE E 25 -7.04 12.06 -24.89
N ARG E 26 -7.05 13.16 -25.63
CA ARG E 26 -6.31 13.21 -26.88
C ARG E 26 -4.83 12.99 -26.62
N LYS E 27 -4.21 12.14 -27.44
CA LYS E 27 -2.87 11.66 -27.14
C LYS E 27 -1.82 12.74 -27.30
N LEU E 28 -2.02 13.67 -28.25
CA LEU E 28 -0.99 14.67 -28.50
C LEU E 28 -0.92 15.73 -27.40
N PRO E 29 -2.02 16.36 -26.97
CA PRO E 29 -1.92 17.28 -25.82
C PRO E 29 -1.41 16.60 -24.56
N PHE E 30 -1.82 15.35 -24.30
CA PHE E 30 -1.30 14.64 -23.14
C PHE E 30 0.18 14.37 -23.25
N GLN E 31 0.67 13.99 -24.43
CA GLN E 31 2.10 13.81 -24.64
C GLN E 31 2.85 15.11 -24.40
N ARG E 32 2.29 16.23 -24.88
CA ARG E 32 2.91 17.53 -24.63
C ARG E 32 2.97 17.86 -23.15
N LEU E 33 1.89 17.60 -22.42
CA LEU E 33 1.88 17.83 -20.97
C LEU E 33 2.92 16.96 -20.26
N VAL E 34 2.99 15.68 -20.64
CA VAL E 34 3.95 14.76 -20.01
C VAL E 34 5.37 15.25 -20.28
N ARG E 35 5.66 15.68 -21.51
CA ARG E 35 6.98 16.20 -21.83
C ARG E 35 7.28 17.46 -21.02
N GLU E 36 6.30 18.36 -20.88
CA GLU E 36 6.53 19.59 -20.15
C GLU E 36 6.79 19.33 -18.66
N ILE E 37 6.05 18.41 -18.04
CA ILE E 37 6.25 18.13 -16.62
C ILE E 37 7.64 17.55 -16.38
N ALA E 38 8.05 16.60 -17.22
CA ALA E 38 9.36 15.97 -17.06
C ALA E 38 10.50 16.95 -17.29
N GLN E 39 10.22 18.06 -18.00
CA GLN E 39 11.26 19.03 -18.30
C GLN E 39 11.81 19.70 -17.04
N ASP E 40 11.06 19.67 -15.94
CA ASP E 40 11.52 20.24 -14.68
C ASP E 40 12.38 19.26 -13.88
N PHE E 41 12.44 17.99 -14.27
CA PHE E 41 13.25 17.00 -13.58
C PHE E 41 14.51 16.60 -14.34
N LYS E 42 14.50 16.76 -15.66
CA LYS E 42 15.69 16.50 -16.47
C LYS E 42 15.50 17.16 -17.83
N THR E 43 16.53 17.84 -18.30
CA THR E 43 16.50 18.43 -19.63
C THR E 43 16.92 17.41 -20.68
N ASP E 44 16.48 17.64 -21.91
CA ASP E 44 16.78 16.75 -23.04
C ASP E 44 16.37 15.32 -22.73
N LEU E 45 15.24 15.16 -22.07
CA LEU E 45 14.67 13.86 -21.79
C LEU E 45 13.96 13.32 -23.02
N ARG E 46 14.00 12.01 -23.19
CA ARG E 46 13.28 11.35 -24.27
C ARG E 46 12.34 10.31 -23.68
N PHE E 47 11.30 9.98 -24.43
CA PHE E 47 10.27 9.06 -23.98
C PHE E 47 10.03 8.02 -25.05
N GLN E 48 9.92 6.76 -24.62
CA GLN E 48 9.34 5.75 -25.48
C GLN E 48 7.85 6.05 -25.64
N SER E 49 7.35 5.86 -26.87
CA SER E 49 5.92 6.03 -27.11
C SER E 49 5.12 5.16 -26.15
N SER E 50 5.65 3.97 -25.84
CA SER E 50 4.98 3.10 -24.88
C SER E 50 5.04 3.67 -23.47
N ALA E 51 6.07 4.45 -23.15
CA ALA E 51 6.12 5.09 -21.83
C ALA E 51 5.01 6.13 -21.67
N VAL E 52 4.82 6.99 -22.68
CA VAL E 52 3.73 7.94 -22.63
C VAL E 52 2.38 7.25 -22.67
N MET E 53 2.25 6.16 -23.42
CA MET E 53 1.01 5.39 -23.39
C MET E 53 0.72 4.78 -22.03
N ALA E 54 1.73 4.26 -21.34
CA ALA E 54 1.55 3.76 -19.98
C ALA E 54 1.15 4.88 -19.03
N LEU E 55 1.78 6.05 -19.17
CA LEU E 55 1.41 7.19 -18.33
C LEU E 55 -0.04 7.58 -18.54
N GLN E 56 -0.49 7.62 -19.80
CA GLN E 56 -1.89 7.94 -20.07
C GLN E 56 -2.83 6.87 -19.53
N GLU E 57 -2.48 5.60 -19.73
CA GLU E 57 -3.33 4.51 -19.27
C GLU E 57 -3.45 4.49 -17.75
N ALA E 58 -2.41 4.91 -17.03
CA ALA E 58 -2.49 5.05 -15.58
C ALA E 58 -3.27 6.29 -15.15
N SER E 59 -2.99 7.44 -15.78
CA SER E 59 -3.66 8.67 -15.40
C SER E 59 -5.16 8.61 -15.62
N GLU E 60 -5.60 8.03 -16.74
CA GLU E 60 -7.03 7.94 -17.02
C GLU E 60 -7.77 7.03 -16.04
N ALA E 61 -7.20 5.88 -15.70
CA ALA E 61 -7.82 5.04 -14.66
C ALA E 61 -7.84 5.74 -13.32
N TYR E 62 -6.76 6.46 -12.98
CA TYR E 62 -6.75 7.22 -11.73
C TYR E 62 -7.89 8.24 -11.70
N LEU E 63 -8.04 9.00 -12.78
CA LEU E 63 -9.09 10.01 -12.83
C LEU E 63 -10.49 9.39 -12.81
N VAL E 64 -10.66 8.26 -13.49
CA VAL E 64 -11.98 7.61 -13.50
C VAL E 64 -12.34 7.13 -12.09
N GLY E 65 -11.39 6.52 -11.38
CA GLY E 65 -11.66 6.11 -10.01
C GLY E 65 -11.92 7.30 -9.10
N LEU E 66 -11.19 8.39 -9.30
CA LEU E 66 -11.43 9.60 -8.54
C LEU E 66 -12.84 10.13 -8.77
N PHE E 67 -13.31 10.12 -10.02
CA PHE E 67 -14.67 10.58 -10.29
C PHE E 67 -15.71 9.62 -9.74
N GLU E 68 -15.40 8.32 -9.70
CA GLU E 68 -16.29 7.37 -9.04
C GLU E 68 -16.44 7.66 -7.55
N ASP E 69 -15.35 8.00 -6.86
CA ASP E 69 -15.46 8.44 -5.47
C ASP E 69 -16.14 9.79 -5.33
N THR E 70 -15.88 10.71 -6.26
CA THR E 70 -16.48 12.04 -6.23
C THR E 70 -18.01 11.97 -6.35
N ASN E 71 -18.50 11.09 -7.23
CA ASN E 71 -19.95 10.93 -7.37
C ASN E 71 -20.58 10.41 -6.09
N LEU E 72 -19.92 9.49 -5.40
CA LEU E 72 -20.40 9.03 -4.10
C LEU E 72 -20.43 10.16 -3.09
N CYS E 73 -19.38 10.98 -3.05
CA CYS E 73 -19.37 12.13 -2.16
C CYS E 73 -20.48 13.12 -2.48
N ALA E 74 -20.82 13.28 -3.76
CA ALA E 74 -21.91 14.18 -4.13
C ALA E 74 -23.28 13.61 -3.79
N ILE E 75 -23.47 12.30 -3.98
CA ILE E 75 -24.73 11.66 -3.60
C ILE E 75 -24.92 11.69 -2.10
N HIS E 76 -23.84 11.55 -1.33
CA HIS E 76 -23.91 11.63 0.13
C HIS E 76 -24.46 12.98 0.57
N ALA E 77 -24.22 14.04 -0.19
CA ALA E 77 -24.74 15.37 0.11
C ALA E 77 -26.10 15.62 -0.51
N LYS E 78 -26.80 14.55 -0.94
CA LYS E 78 -28.10 14.65 -1.60
C LYS E 78 -28.04 15.56 -2.83
N ARG E 79 -27.01 15.34 -3.64
CA ARG E 79 -26.79 16.10 -4.86
C ARG E 79 -26.57 15.14 -6.01
N VAL E 80 -26.78 15.65 -7.22
CA VAL E 80 -26.39 14.94 -8.44
C VAL E 80 -25.24 15.62 -9.16
N THR E 81 -24.94 16.87 -8.87
CA THR E 81 -23.81 17.57 -9.47
C THR E 81 -22.56 17.37 -8.62
N ILE E 82 -21.48 16.95 -9.24
CA ILE E 82 -20.21 16.83 -8.53
C ILE E 82 -19.54 18.20 -8.50
N MET E 83 -19.04 18.58 -7.33
CA MET E 83 -18.44 19.88 -7.12
C MET E 83 -16.97 19.71 -6.74
N PRO E 84 -16.17 20.78 -6.73
CA PRO E 84 -14.78 20.64 -6.26
C PRO E 84 -14.66 20.06 -4.85
N LYS E 85 -15.60 20.39 -3.97
CA LYS E 85 -15.55 19.91 -2.60
C LYS E 85 -15.71 18.39 -2.54
N ASP E 86 -16.44 17.79 -3.48
CA ASP E 86 -16.52 16.34 -3.53
C ASP E 86 -15.18 15.72 -3.90
N ILE E 87 -14.49 16.30 -4.88
CA ILE E 87 -13.14 15.86 -5.21
C ILE E 87 -12.23 15.95 -4.00
N GLN E 88 -12.32 17.08 -3.27
CA GLN E 88 -11.47 17.29 -2.11
C GLN E 88 -11.78 16.31 -0.99
N LEU E 89 -13.06 16.02 -0.74
CA LEU E 89 -13.39 15.02 0.28
C LEU E 89 -12.90 13.64 -0.11
N ALA E 90 -13.09 13.26 -1.38
CA ALA E 90 -12.60 11.96 -1.84
C ALA E 90 -11.09 11.86 -1.64
N ARG E 91 -10.34 12.86 -2.09
CA ARG E 91 -8.89 12.82 -1.98
C ARG E 91 -8.42 12.86 -0.54
N ARG E 92 -9.11 13.62 0.32
CA ARG E 92 -8.75 13.65 1.73
C ARG E 92 -8.95 12.28 2.38
N ILE E 93 -10.08 11.62 2.08
CA ILE E 93 -10.31 10.32 2.68
C ILE E 93 -9.36 9.25 2.16
N ARG E 94 -9.02 9.24 0.87
CA ARG E 94 -8.07 8.26 0.38
C ARG E 94 -6.62 8.71 0.54
N GLY E 95 -6.37 9.79 1.28
CA GLY E 95 -5.04 10.15 1.72
C GLY E 95 -4.21 10.92 0.73
N GLU E 96 -4.73 11.19 -0.47
CA GLU E 96 -3.92 11.85 -1.50
C GLU E 96 -3.53 13.26 -1.09
N ARG E 97 -4.44 14.02 -0.50
CA ARG E 97 -4.10 15.34 0.02
C ARG E 97 -4.94 15.64 1.26
N ALA E 98 -4.39 15.36 2.44
CA ALA E 98 -5.11 15.56 3.69
C ALA E 98 -4.80 16.93 4.30
N ARG F 1 4.84 25.03 -21.92
CA ARG F 1 4.20 26.18 -21.29
C ARG F 1 2.68 26.08 -21.41
N ASP F 2 2.02 25.88 -20.27
CA ASP F 2 0.56 25.80 -20.19
C ASP F 2 0.00 24.73 -21.13
N ASN F 3 0.49 23.50 -21.00
CA ASN F 3 -0.02 22.38 -21.77
C ASN F 3 -1.10 21.62 -21.03
N ILE F 4 -1.42 22.02 -19.80
CA ILE F 4 -2.50 21.38 -19.05
C ILE F 4 -3.86 21.79 -19.57
N GLN F 5 -3.97 22.93 -20.26
CA GLN F 5 -5.21 23.29 -20.92
C GLN F 5 -5.46 22.48 -22.18
N GLY F 6 -4.48 21.69 -22.63
CA GLY F 6 -4.72 20.70 -23.66
C GLY F 6 -5.57 19.54 -23.20
N ILE F 7 -5.73 19.37 -21.89
CA ILE F 7 -6.69 18.41 -21.33
C ILE F 7 -8.00 19.19 -21.28
N THR F 8 -8.75 19.10 -22.38
CA THR F 8 -9.90 19.97 -22.61
C THR F 8 -11.06 19.59 -21.70
N LYS F 9 -12.02 20.52 -21.61
CA LYS F 9 -13.23 20.24 -20.83
C LYS F 9 -14.00 19.04 -21.34
N PRO F 10 -14.20 18.83 -22.65
CA PRO F 10 -14.87 17.59 -23.09
C PRO F 10 -14.16 16.32 -22.67
N ALA F 11 -12.82 16.31 -22.63
CA ALA F 11 -12.10 15.12 -22.18
C ALA F 11 -12.34 14.83 -20.71
N ILE F 12 -12.31 15.87 -19.88
CA ILE F 12 -12.60 15.71 -18.45
C ILE F 12 -14.04 15.23 -18.26
N ARG F 13 -14.97 15.78 -19.04
CA ARG F 13 -16.36 15.34 -18.96
C ARG F 13 -16.51 13.88 -19.41
N ARG F 14 -15.75 13.46 -20.42
CA ARG F 14 -15.75 12.05 -20.81
C ARG F 14 -15.24 11.15 -19.70
N LEU F 15 -14.15 11.54 -19.04
CA LEU F 15 -13.66 10.77 -17.90
C LEU F 15 -14.68 10.73 -16.77
N ALA F 16 -15.38 11.83 -16.52
CA ALA F 16 -16.45 11.84 -15.53
C ALA F 16 -17.59 10.92 -15.93
N ARG F 17 -17.96 10.90 -17.22
CA ARG F 17 -19.00 10.00 -17.68
C ARG F 17 -18.61 8.55 -17.48
N ARG F 18 -17.35 8.20 -17.77
CA ARG F 18 -16.90 6.83 -17.50
C ARG F 18 -16.96 6.52 -16.01
N GLY F 19 -16.84 7.54 -15.16
CA GLY F 19 -16.97 7.38 -13.73
C GLY F 19 -18.40 7.42 -13.21
N GLY F 20 -19.38 7.46 -14.10
CA GLY F 20 -20.78 7.46 -13.70
C GLY F 20 -21.33 8.81 -13.30
N VAL F 21 -20.66 9.90 -13.64
CA VAL F 21 -21.11 11.23 -13.22
C VAL F 21 -22.17 11.73 -14.17
N LYS F 22 -23.26 12.28 -13.63
CA LYS F 22 -24.37 12.76 -14.44
C LYS F 22 -24.29 14.26 -14.69
N ARG F 23 -24.19 15.07 -13.64
CA ARG F 23 -24.00 16.51 -13.77
C ARG F 23 -22.64 16.89 -13.23
N ILE F 24 -22.04 17.90 -13.86
CA ILE F 24 -20.68 18.34 -13.56
C ILE F 24 -20.71 19.85 -13.34
N SER F 25 -20.25 20.29 -12.17
CA SER F 25 -20.13 21.72 -11.91
C SER F 25 -19.05 22.34 -12.78
N GLY F 26 -19.19 23.64 -13.02
CA GLY F 26 -18.28 24.36 -13.89
C GLY F 26 -16.86 24.52 -13.40
N LEU F 27 -16.63 24.33 -12.10
CA LEU F 27 -15.31 24.44 -11.51
C LEU F 27 -14.59 23.09 -11.41
N ILE F 28 -15.23 22.02 -11.90
CA ILE F 28 -14.63 20.69 -11.81
C ILE F 28 -13.42 20.56 -12.73
N TYR F 29 -13.41 21.24 -13.87
CA TYR F 29 -12.36 21.05 -14.86
C TYR F 29 -11.01 21.54 -14.36
N GLU F 30 -10.98 22.71 -13.71
CA GLU F 30 -9.73 23.21 -13.15
C GLU F 30 -9.22 22.36 -11.99
N GLU F 31 -10.13 21.89 -11.12
CA GLU F 31 -9.73 20.97 -10.05
C GLU F 31 -9.15 19.67 -10.62
N THR F 32 -9.80 19.14 -11.65
CA THR F 32 -9.29 17.93 -12.31
C THR F 32 -7.94 18.18 -12.95
N ARG F 33 -7.75 19.35 -13.56
CA ARG F 33 -6.46 19.68 -14.15
C ARG F 33 -5.36 19.74 -13.08
N GLY F 34 -5.65 20.36 -11.94
CA GLY F 34 -4.68 20.39 -10.86
C GLY F 34 -4.37 19.01 -10.32
N VAL F 35 -5.40 18.19 -10.11
CA VAL F 35 -5.19 16.83 -9.61
C VAL F 35 -4.37 16.01 -10.58
N LEU F 36 -4.68 16.09 -11.87
CA LEU F 36 -3.90 15.35 -12.87
C LEU F 36 -2.46 15.84 -12.91
N LYS F 37 -2.25 17.15 -12.79
CA LYS F 37 -0.89 17.67 -12.76
C LYS F 37 -0.11 17.13 -11.57
N VAL F 38 -0.72 17.10 -10.38
CA VAL F 38 -0.04 16.58 -9.20
C VAL F 38 0.29 15.10 -9.38
N PHE F 39 -0.68 14.31 -9.84
CA PHE F 39 -0.46 12.88 -10.04
C PHE F 39 0.66 12.62 -11.04
N LEU F 40 0.63 13.34 -12.16
CA LEU F 40 1.65 13.17 -13.18
C LEU F 40 3.02 13.60 -12.68
N GLU F 41 3.10 14.69 -11.92
CA GLU F 41 4.37 15.09 -11.35
C GLU F 41 4.93 13.99 -10.45
N ASN F 42 4.10 13.43 -9.58
CA ASN F 42 4.57 12.38 -8.69
C ASN F 42 5.04 11.14 -9.44
N VAL F 43 4.31 10.72 -10.48
CA VAL F 43 4.74 9.52 -11.20
C VAL F 43 5.99 9.80 -12.02
N ILE F 44 6.05 10.95 -12.70
CA ILE F 44 7.17 11.25 -13.59
C ILE F 44 8.45 11.49 -12.79
N ARG F 45 8.34 12.03 -11.56
CA ARG F 45 9.53 12.19 -10.75
C ARG F 45 10.23 10.85 -10.51
N ASP F 46 9.46 9.84 -10.10
CA ASP F 46 10.04 8.51 -9.88
C ASP F 46 10.49 7.87 -11.18
N ALA F 47 9.75 8.07 -12.27
CA ALA F 47 10.17 7.52 -13.56
C ALA F 47 11.52 8.09 -13.98
N VAL F 48 11.70 9.41 -13.84
CA VAL F 48 12.97 10.04 -14.19
C VAL F 48 14.08 9.62 -13.22
N THR F 49 13.75 9.41 -11.95
CA THR F 49 14.75 8.90 -11.02
C THR F 49 15.25 7.53 -11.46
N TYR F 50 14.34 6.64 -11.83
CA TYR F 50 14.73 5.34 -12.36
C TYR F 50 15.51 5.48 -13.66
N THR F 51 15.16 6.45 -14.49
CA THR F 51 15.89 6.68 -15.74
C THR F 51 17.34 7.08 -15.46
N GLU F 52 17.54 8.07 -14.58
CA GLU F 52 18.89 8.53 -14.29
C GLU F 52 19.71 7.49 -13.56
N HIS F 53 19.07 6.64 -12.75
CA HIS F 53 19.85 5.61 -12.06
C HIS F 53 20.48 4.64 -13.04
N ALA F 54 19.80 4.35 -14.15
CA ALA F 54 20.35 3.49 -15.19
C ALA F 54 21.25 4.24 -16.16
N LYS F 55 21.50 5.53 -15.90
CA LYS F 55 22.33 6.38 -16.76
C LYS F 55 21.78 6.43 -18.18
N ARG F 56 20.47 6.31 -18.32
CA ARG F 56 19.78 6.39 -19.60
C ARG F 56 19.26 7.80 -19.83
N LYS F 57 18.92 8.08 -21.09
CA LYS F 57 18.33 9.36 -21.46
C LYS F 57 16.89 9.27 -21.91
N THR F 58 16.40 8.08 -22.25
CA THR F 58 15.01 7.88 -22.62
C THR F 58 14.27 7.17 -21.50
N VAL F 59 13.08 7.66 -21.16
CA VAL F 59 12.27 7.04 -20.12
C VAL F 59 11.54 5.85 -20.73
N THR F 60 11.83 4.66 -20.22
CA THR F 60 11.21 3.43 -20.68
C THR F 60 9.84 3.26 -20.03
N ALA F 61 8.98 2.45 -20.68
CA ALA F 61 7.72 2.08 -20.06
C ALA F 61 7.94 1.33 -18.77
N MET F 62 9.06 0.61 -18.64
CA MET F 62 9.36 -0.07 -17.39
C MET F 62 9.66 0.92 -16.28
N ASP F 63 10.27 2.06 -16.62
CA ASP F 63 10.45 3.11 -15.63
C ASP F 63 9.11 3.61 -15.10
N VAL F 64 8.13 3.82 -15.98
CA VAL F 64 6.79 4.20 -15.55
C VAL F 64 6.12 3.11 -14.73
N VAL F 65 6.26 1.85 -15.14
CA VAL F 65 5.65 0.75 -14.41
C VAL F 65 6.24 0.65 -13.00
N TYR F 66 7.56 0.83 -12.87
CA TYR F 66 8.18 0.82 -11.56
C TYR F 66 7.76 2.03 -10.73
N ALA F 67 7.67 3.20 -11.36
CA ALA F 67 7.23 4.41 -10.67
C ALA F 67 5.79 4.30 -10.19
N LEU F 68 4.96 3.49 -10.86
CA LEU F 68 3.59 3.28 -10.45
C LEU F 68 3.47 2.22 -9.37
N LYS F 69 4.22 1.13 -9.49
CA LYS F 69 4.17 0.06 -8.50
C LYS F 69 4.58 0.54 -7.12
N ARG F 70 5.48 1.53 -7.05
CA ARG F 70 5.93 2.07 -5.78
C ARG F 70 4.96 3.08 -5.19
N GLN F 71 3.90 3.43 -5.90
CA GLN F 71 2.80 4.22 -5.35
C GLN F 71 1.56 3.37 -5.10
N GLY F 72 1.69 2.06 -5.16
CA GLY F 72 0.54 1.17 -5.01
C GLY F 72 -0.46 1.29 -6.14
N ARG F 73 0.02 1.46 -7.37
CA ARG F 73 -0.83 1.58 -8.55
C ARG F 73 -0.29 0.70 -9.67
N THR F 74 0.00 -0.56 -9.34
CA THR F 74 0.59 -1.47 -10.31
C THR F 74 -0.26 -1.57 -11.56
N LEU F 75 0.40 -1.54 -12.72
CA LEU F 75 -0.26 -1.45 -14.02
C LEU F 75 0.14 -2.66 -14.86
N TYR F 76 -0.86 -3.37 -15.38
CA TYR F 76 -0.65 -4.54 -16.22
C TYR F 76 -0.66 -4.15 -17.69
N GLY F 77 -0.02 -4.98 -18.51
CA GLY F 77 -0.09 -4.83 -19.95
C GLY F 77 1.06 -4.07 -20.58
N PHE F 78 2.03 -3.60 -19.79
CA PHE F 78 3.14 -2.81 -20.31
C PHE F 78 4.46 -3.46 -19.94
N GLY F 79 4.50 -4.79 -19.93
CA GLY F 79 5.72 -5.52 -19.62
C GLY F 79 5.64 -6.30 -18.32
N ALA G 1 41.52 1.21 13.27
CA ALA G 1 41.76 1.66 14.63
C ALA G 1 40.76 2.75 15.03
N LYS G 2 40.11 3.35 14.02
CA LYS G 2 39.17 4.44 14.22
C LYS G 2 37.71 3.97 14.22
N SER G 3 37.50 2.65 14.29
CA SER G 3 36.18 2.03 14.46
C SER G 3 35.29 2.17 13.24
N ARG G 4 35.75 2.90 12.22
CA ARG G 4 35.13 2.92 10.90
C ARG G 4 33.79 3.67 10.91
N SER G 5 33.29 3.99 12.10
CA SER G 5 32.09 4.82 12.20
C SER G 5 32.46 6.24 12.58
N SER G 6 33.48 6.40 13.43
CA SER G 6 34.10 7.68 13.69
C SER G 6 35.06 8.09 12.59
N ARG G 7 35.44 7.15 11.72
CA ARG G 7 36.21 7.46 10.52
C ARG G 7 35.38 8.21 9.48
N ALA G 8 34.05 8.12 9.55
CA ALA G 8 33.16 8.86 8.68
C ALA G 8 32.51 10.05 9.37
N GLY G 9 32.59 10.14 10.69
CA GLY G 9 31.95 11.21 11.42
C GLY G 9 30.53 10.93 11.87
N LEU G 10 30.16 9.67 12.05
CA LEU G 10 28.79 9.30 12.41
C LEU G 10 28.77 8.70 13.81
N GLN G 11 27.61 8.83 14.44
CA GLN G 11 27.34 8.16 15.71
C GLN G 11 26.57 6.85 15.54
N PHE G 12 26.29 6.44 14.29
CA PHE G 12 25.61 5.20 13.98
C PHE G 12 26.62 4.15 13.52
N PRO G 13 26.38 2.87 13.80
CA PRO G 13 27.39 1.84 13.56
C PRO G 13 27.46 1.44 12.09
N VAL G 14 28.55 1.82 11.42
CA VAL G 14 28.74 1.43 10.03
C VAL G 14 28.90 -0.09 9.93
N GLY G 15 29.63 -0.70 10.87
CA GLY G 15 29.83 -2.13 10.83
C GLY G 15 28.55 -2.93 10.99
N ARG G 16 27.68 -2.51 11.91
CA ARG G 16 26.41 -3.21 12.08
C ARG G 16 25.53 -3.09 10.84
N VAL G 17 25.48 -1.91 10.22
CA VAL G 17 24.71 -1.75 8.98
C VAL G 17 25.30 -2.61 7.87
N HIS G 18 26.63 -2.70 7.79
CA HIS G 18 27.22 -3.59 6.80
C HIS G 18 26.83 -5.03 7.04
N ARG G 19 26.86 -5.46 8.31
N ARG G 19 26.86 -5.47 8.30
CA ARG G 19 26.45 -6.81 8.66
CA ARG G 19 26.47 -6.83 8.61
C ARG G 19 25.00 -7.08 8.28
C ARG G 19 25.00 -7.09 8.30
N LEU G 20 24.11 -6.14 8.60
CA LEU G 20 22.70 -6.29 8.26
C LEU G 20 22.44 -6.31 6.76
N LEU G 21 23.14 -5.47 5.98
CA LEU G 21 23.01 -5.53 4.53
C LEU G 21 23.52 -6.86 3.97
N ARG G 22 24.65 -7.37 4.48
CA ARG G 22 25.15 -8.65 4.01
C ARG G 22 24.30 -9.83 4.42
N LYS G 23 23.61 -9.75 5.57
CA LYS G 23 22.76 -10.84 6.03
C LYS G 23 21.30 -10.72 5.64
N GLY G 24 20.86 -9.59 5.11
CA GLY G 24 19.47 -9.34 4.79
C GLY G 24 19.00 -9.84 3.45
N ASN G 25 19.87 -10.46 2.66
CA ASN G 25 19.54 -10.99 1.33
C ASN G 25 19.01 -9.88 0.42
N TYR G 26 19.80 -8.81 0.32
CA TYR G 26 19.47 -7.66 -0.51
C TYR G 26 20.10 -7.75 -1.90
N ALA G 27 21.38 -8.09 -1.96
CA ALA G 27 22.08 -8.35 -3.22
C ALA G 27 23.13 -9.41 -2.92
N GLU G 28 23.87 -9.83 -3.95
CA GLU G 28 24.95 -10.79 -3.76
C GLU G 28 26.21 -10.14 -3.20
N ARG G 29 26.46 -8.88 -3.53
CA ARG G 29 27.58 -8.13 -2.97
C ARG G 29 27.08 -6.80 -2.41
N VAL G 30 27.83 -6.28 -1.43
CA VAL G 30 27.56 -4.98 -0.83
C VAL G 30 28.82 -4.14 -0.96
N GLY G 31 28.67 -2.92 -1.45
CA GLY G 31 29.81 -2.03 -1.63
C GLY G 31 30.45 -1.60 -0.33
N ALA G 32 31.36 -0.63 -0.40
CA ALA G 32 32.04 -0.10 0.76
C ALA G 32 31.35 1.11 1.37
N GLY G 33 30.91 2.06 0.54
CA GLY G 33 30.25 3.25 1.02
C GLY G 33 28.76 3.06 1.23
N ALA G 34 28.24 1.89 0.85
CA ALA G 34 26.82 1.62 1.09
C ALA G 34 26.47 1.61 2.57
N PRO G 35 27.19 0.91 3.46
CA PRO G 35 26.90 1.03 4.89
C PRO G 35 27.13 2.42 5.45
N VAL G 36 28.18 3.12 5.01
CA VAL G 36 28.41 4.49 5.44
C VAL G 36 27.27 5.42 5.04
N TYR G 37 26.83 5.35 3.78
CA TYR G 37 25.70 6.13 3.31
C TYR G 37 24.41 5.80 4.07
N MET G 38 24.11 4.51 4.25
CA MET G 38 22.89 4.14 4.96
C MET G 38 22.92 4.58 6.42
N ALA G 39 24.05 4.42 7.10
CA ALA G 39 24.16 4.85 8.49
C ALA G 39 24.10 6.37 8.61
N ALA G 40 24.64 7.10 7.63
CA ALA G 40 24.52 8.55 7.64
C ALA G 40 23.08 8.98 7.45
N VAL G 41 22.34 8.30 6.57
CA VAL G 41 20.94 8.66 6.34
C VAL G 41 20.09 8.34 7.57
N LEU G 42 20.31 7.17 8.18
CA LEU G 42 19.56 6.81 9.38
C LEU G 42 19.86 7.76 10.54
N GLU G 43 21.14 8.09 10.73
CA GLU G 43 21.50 8.97 11.84
C GLU G 43 20.89 10.36 11.67
N TYR G 44 20.89 10.90 10.45
CA TYR G 44 20.31 12.22 10.23
C TYR G 44 18.80 12.24 10.45
N LEU G 45 18.08 11.23 9.94
CA LEU G 45 16.65 11.15 10.17
C LEU G 45 16.33 11.01 11.66
N THR G 46 17.08 10.15 12.35
CA THR G 46 16.94 10.00 13.80
C THR G 46 17.16 11.34 14.51
N ALA G 47 18.23 12.04 14.17
CA ALA G 47 18.55 13.33 14.79
C ALA G 47 17.51 14.39 14.49
N GLU G 48 16.83 14.31 13.34
CA GLU G 48 15.78 15.26 13.00
C GLU G 48 14.48 15.00 13.75
N ILE G 49 14.01 13.75 13.77
CA ILE G 49 12.81 13.44 14.55
C ILE G 49 13.08 13.70 16.03
N LEU G 50 14.31 13.45 16.47
CA LEU G 50 14.71 13.65 17.86
C LEU G 50 14.88 15.13 18.17
N GLU G 51 15.34 15.92 17.19
CA GLU G 51 15.30 17.37 17.28
C GLU G 51 13.90 17.94 17.48
N LEU G 52 12.92 17.46 16.73
CA LEU G 52 11.55 17.94 16.90
C LEU G 52 10.88 17.41 18.17
N ALA G 53 11.13 16.16 18.56
CA ALA G 53 10.56 15.59 19.77
C ALA G 53 11.04 16.28 21.04
N GLY G 54 12.32 16.59 21.15
CA GLY G 54 12.83 17.37 22.26
C GLY G 54 12.28 18.76 22.33
N ASN G 55 12.09 19.43 21.19
CA ASN G 55 11.39 20.70 21.15
C ASN G 55 9.96 20.61 21.66
N ALA G 56 9.22 19.59 21.22
CA ALA G 56 7.87 19.36 21.73
C ALA G 56 7.85 19.09 23.23
N ALA G 57 8.82 18.33 23.73
CA ALA G 57 8.94 18.11 25.17
C ALA G 57 9.23 19.40 25.91
N ARG G 58 10.05 20.29 25.33
CA ARG G 58 10.27 21.60 25.93
C ARG G 58 9.01 22.44 25.96
N ASP G 59 8.20 22.40 24.90
CA ASP G 59 6.95 23.17 24.89
C ASP G 59 5.99 22.71 25.99
N ASN G 60 6.01 21.43 26.32
CA ASN G 60 5.16 20.89 27.39
C ASN G 60 5.82 20.95 28.75
N LYS G 61 6.91 21.69 28.88
CA LYS G 61 7.62 21.91 30.15
C LYS G 61 8.23 20.62 30.71
N LYS G 62 8.50 19.64 29.86
CA LYS G 62 9.06 18.37 30.30
C LYS G 62 10.51 18.26 29.83
N THR G 63 11.29 17.50 30.60
CA THR G 63 12.70 17.24 30.32
C THR G 63 12.91 15.80 29.92
N ARG G 64 11.91 15.21 29.27
CA ARG G 64 11.98 13.82 28.81
C ARG G 64 11.14 13.70 27.55
N ILE G 65 11.45 12.69 26.75
CA ILE G 65 10.73 12.44 25.50
C ILE G 65 9.88 11.19 25.69
N ILE G 66 8.58 11.32 25.48
CA ILE G 66 7.64 10.21 25.59
C ILE G 66 6.99 10.03 24.23
N PRO G 67 6.39 8.85 23.95
CA PRO G 67 5.74 8.61 22.66
C PRO G 67 4.84 9.75 22.20
N ARG G 68 4.24 10.46 23.15
CA ARG G 68 3.40 11.61 22.80
C ARG G 68 4.20 12.68 22.07
N HIS G 69 5.41 12.97 22.56
CA HIS G 69 6.25 13.98 21.92
C HIS G 69 6.71 13.55 20.53
N LEU G 70 7.08 12.29 20.35
CA LEU G 70 7.44 11.80 19.03
C LEU G 70 6.26 11.91 18.06
N GLN G 71 5.06 11.51 18.50
CA GLN G 71 3.89 11.64 17.65
C GLN G 71 3.62 13.09 17.28
N LEU G 72 3.69 14.00 18.27
CA LEU G 72 3.45 15.41 18.03
C LEU G 72 4.44 15.96 17.02
N ALA G 73 5.73 15.65 17.21
CA ALA G 73 6.77 16.10 16.30
C ALA G 73 6.59 15.56 14.90
N ILE G 74 6.26 14.28 14.75
CA ILE G 74 6.10 13.70 13.41
C ILE G 74 4.91 14.34 12.71
N ARG G 75 3.76 14.41 13.37
CA ARG G 75 2.54 14.84 12.69
C ARG G 75 2.46 16.36 12.52
N ASN G 76 3.26 17.12 13.26
CA ASN G 76 3.29 18.57 13.08
C ASN G 76 4.30 19.00 12.01
N ASP G 77 5.05 18.08 11.45
CA ASP G 77 5.98 18.35 10.36
C ASP G 77 5.49 17.65 9.10
N GLU G 78 5.37 18.41 8.01
CA GLU G 78 4.76 17.90 6.79
C GLU G 78 5.53 16.73 6.17
N GLU G 79 6.86 16.83 6.08
CA GLU G 79 7.65 15.80 5.42
C GLU G 79 7.80 14.53 6.24
N LEU G 80 8.03 14.64 7.55
CA LEU G 80 8.02 13.44 8.39
C LEU G 80 6.64 12.83 8.51
N ASN G 81 5.58 13.64 8.40
CA ASN G 81 4.23 13.09 8.34
C ASN G 81 4.00 12.35 7.03
N LYS G 82 4.49 12.89 5.92
CA LYS G 82 4.38 12.19 4.64
C LYS G 82 5.14 10.88 4.66
N LEU G 83 6.36 10.90 5.21
CA LEU G 83 7.15 9.68 5.31
C LEU G 83 6.48 8.66 6.21
N LEU G 84 6.12 9.08 7.42
CA LEU G 84 5.50 8.17 8.40
C LEU G 84 3.98 8.33 8.37
N GLY G 85 3.41 8.12 7.18
CA GLY G 85 1.99 8.37 6.97
C GLY G 85 1.10 7.17 7.19
N LYS G 86 1.68 5.97 7.11
CA LYS G 86 0.96 4.72 7.36
C LYS G 86 1.51 4.05 8.61
N VAL G 87 1.99 4.85 9.55
CA VAL G 87 2.67 4.38 10.75
C VAL G 87 1.82 4.69 11.96
N THR G 88 1.57 3.68 12.78
CA THR G 88 0.89 3.84 14.06
C THR G 88 1.92 3.86 15.17
N ILE G 89 1.91 4.93 15.97
CA ILE G 89 2.82 5.10 17.09
C ILE G 89 2.07 4.75 18.37
N ALA G 90 2.58 3.77 19.11
CA ALA G 90 1.93 3.33 20.32
C ALA G 90 1.96 4.44 21.38
N GLN G 91 0.84 4.61 22.07
CA GLN G 91 0.70 5.61 23.14
C GLN G 91 1.03 7.00 22.61
N GLY G 92 0.61 7.27 21.38
CA GLY G 92 0.94 8.53 20.73
C GLY G 92 -0.19 9.54 20.73
N GLY G 93 -1.42 9.08 20.73
CA GLY G 93 -2.57 9.96 20.67
C GLY G 93 -2.79 10.52 19.28
N VAL G 94 -3.46 11.67 19.24
CA VAL G 94 -3.78 12.35 17.99
C VAL G 94 -3.35 13.80 18.09
N LEU G 95 -3.17 14.43 16.93
CA LEU G 95 -3.01 15.87 16.87
C LEU G 95 -4.31 16.55 17.27
N PRO G 96 -4.30 17.46 18.25
CA PRO G 96 -5.53 18.16 18.62
C PRO G 96 -6.11 18.95 17.45
N ASN G 97 -7.32 18.60 17.02
CA ASN G 97 -7.93 19.24 15.86
C ASN G 97 -9.43 19.02 15.94
N ILE G 98 -10.20 20.11 16.02
CA ILE G 98 -11.65 20.08 15.97
C ILE G 98 -12.10 21.10 14.94
N GLN G 99 -13.03 20.70 14.07
CA GLN G 99 -13.36 21.49 12.89
C GLN G 99 -14.13 22.76 13.26
N ALA G 100 -14.17 23.69 12.30
CA ALA G 100 -14.75 25.01 12.56
C ALA G 100 -16.25 24.93 12.79
N VAL G 101 -16.96 24.13 11.99
CA VAL G 101 -18.41 24.03 12.14
C VAL G 101 -18.80 23.44 13.49
N LEU G 102 -17.94 22.62 14.08
CA LEU G 102 -18.17 22.08 15.41
C LEU G 102 -17.90 23.10 16.51
N LEU G 103 -16.88 23.94 16.34
CA LEU G 103 -16.62 25.00 17.30
C LEU G 103 -17.71 26.06 17.20
N PRO G 104 -18.24 26.54 18.34
CA PRO G 104 -19.36 27.47 18.30
C PRO G 104 -18.94 28.92 18.08
N SER H 3 19.32 -3.74 18.44
CA SER H 3 18.75 -2.47 18.91
C SER H 3 19.72 -1.32 18.71
N TYR H 4 19.18 -0.14 18.41
CA TYR H 4 19.97 1.07 18.20
C TYR H 4 19.90 2.01 19.40
N SER H 5 19.62 1.48 20.59
CA SER H 5 19.36 2.35 21.74
C SER H 5 20.56 3.21 22.08
N VAL H 6 21.76 2.63 22.06
CA VAL H 6 22.97 3.37 22.44
C VAL H 6 23.22 4.51 21.46
N TYR H 7 23.07 4.25 20.16
CA TYR H 7 23.38 5.28 19.17
C TYR H 7 22.28 6.32 19.07
N VAL H 8 21.03 5.93 19.27
CA VAL H 8 19.96 6.91 19.36
C VAL H 8 20.16 7.83 20.57
N TYR H 9 20.59 7.27 21.70
CA TYR H 9 20.88 8.10 22.86
C TYR H 9 22.11 8.97 22.65
N LYS H 10 23.12 8.48 21.92
CA LYS H 10 24.27 9.30 21.58
C LYS H 10 23.86 10.48 20.70
N VAL H 11 23.01 10.23 19.71
CA VAL H 11 22.52 11.30 18.84
C VAL H 11 21.65 12.28 19.61
N LEU H 12 20.83 11.79 20.55
CA LEU H 12 19.98 12.69 21.33
C LEU H 12 20.79 13.60 22.23
N LYS H 13 21.87 13.10 22.82
CA LYS H 13 22.76 13.94 23.62
C LYS H 13 23.50 14.98 22.79
N GLN H 14 23.64 14.75 21.48
CA GLN H 14 24.21 15.73 20.58
C GLN H 14 23.25 16.85 20.22
N VAL H 15 21.96 16.52 20.10
CA VAL H 15 20.94 17.43 19.63
C VAL H 15 20.23 18.13 20.79
N HIS H 16 20.07 17.43 21.91
CA HIS H 16 19.47 17.98 23.12
C HIS H 16 20.27 17.44 24.30
N PRO H 17 21.27 18.21 24.77
CA PRO H 17 22.15 17.72 25.84
C PRO H 17 21.47 17.58 27.19
N ASP H 18 20.34 18.23 27.42
CA ASP H 18 19.70 18.19 28.73
C ASP H 18 18.32 17.55 28.70
N THR H 19 17.95 16.87 27.61
CA THR H 19 16.68 16.18 27.50
C THR H 19 16.92 14.68 27.50
N GLY H 20 16.14 13.96 28.30
CA GLY H 20 16.18 12.53 28.37
C GLY H 20 15.12 11.90 27.48
N ILE H 21 15.11 10.58 27.48
CA ILE H 21 14.18 9.79 26.69
C ILE H 21 13.61 8.68 27.56
N SER H 22 12.40 8.26 27.22
CA SER H 22 11.74 7.19 27.96
C SER H 22 12.20 5.83 27.46
N SER H 23 11.75 4.76 28.11
CA SER H 23 11.96 3.41 27.62
C SER H 23 10.93 3.00 26.59
N LYS H 24 9.78 3.70 26.52
CA LYS H 24 8.80 3.45 25.48
C LYS H 24 9.02 4.32 24.27
N ALA H 25 9.65 5.48 24.43
CA ALA H 25 10.04 6.33 23.32
C ALA H 25 11.32 5.89 22.64
N MET H 26 12.13 5.04 23.29
CA MET H 26 13.27 4.41 22.64
C MET H 26 12.91 3.17 21.84
N GLY H 27 11.94 2.38 22.28
CA GLY H 27 11.40 1.35 21.43
C GLY H 27 10.78 1.88 20.16
N ILE H 28 10.12 3.04 20.23
CA ILE H 28 9.60 3.70 19.04
C ILE H 28 10.70 4.12 18.08
N MET H 29 11.79 4.69 18.58
CA MET H 29 12.90 5.06 17.72
C MET H 29 13.61 3.84 17.14
N ASN H 30 13.72 2.75 17.91
CA ASN H 30 14.23 1.49 17.36
C ASN H 30 13.34 0.96 16.24
N SER H 31 12.02 0.99 16.43
CA SER H 31 11.11 0.60 15.36
C SER H 31 11.29 1.49 14.14
N PHE H 32 11.45 2.80 14.35
CA PHE H 32 11.63 3.74 13.25
C PHE H 32 12.90 3.45 12.48
N VAL H 33 14.01 3.23 13.18
CA VAL H 33 15.26 2.93 12.50
C VAL H 33 15.18 1.60 11.77
N ASN H 34 14.66 0.56 12.42
CA ASN H 34 14.55 -0.75 11.78
C ASN H 34 13.56 -0.78 10.62
N ASP H 35 12.61 0.16 10.60
CA ASP H 35 11.65 0.29 9.51
C ASP H 35 12.25 1.05 8.33
N ILE H 36 12.89 2.19 8.59
CA ILE H 36 13.49 2.97 7.52
C ILE H 36 14.67 2.24 6.90
N PHE H 37 15.43 1.48 7.70
CA PHE H 37 16.51 0.67 7.15
C PHE H 37 15.95 -0.36 6.17
N GLU H 38 14.87 -1.02 6.53
CA GLU H 38 14.23 -1.97 5.63
C GLU H 38 13.66 -1.30 4.40
N ARG H 39 13.16 -0.08 4.53
CA ARG H 39 12.61 0.63 3.37
C ARG H 39 13.70 0.98 2.36
N ILE H 40 14.82 1.53 2.82
CA ILE H 40 15.88 1.93 1.91
C ILE H 40 16.59 0.71 1.32
N ALA H 41 16.86 -0.31 2.14
CA ALA H 41 17.59 -1.49 1.72
C ALA H 41 16.75 -2.43 0.87
N GLY H 42 15.44 -2.24 0.82
CA GLY H 42 14.60 -3.04 -0.05
C GLY H 42 14.39 -2.36 -1.39
N GLU H 43 14.59 -1.04 -1.44
CA GLU H 43 14.55 -0.30 -2.68
C GLU H 43 15.91 -0.21 -3.35
N ALA H 44 17.00 -0.14 -2.57
CA ALA H 44 18.32 -0.34 -3.14
C ALA H 44 18.47 -1.74 -3.72
N SER H 45 17.86 -2.72 -3.06
CA SER H 45 17.84 -4.09 -3.59
C SER H 45 17.06 -4.15 -4.90
N ARG H 46 15.91 -3.47 -4.95
CA ARG H 46 15.11 -3.47 -6.17
C ARG H 46 15.84 -2.80 -7.33
N LEU H 47 16.51 -1.68 -7.05
CA LEU H 47 17.24 -0.97 -8.09
C LEU H 47 18.38 -1.78 -8.66
N ALA H 48 19.10 -2.53 -7.83
CA ALA H 48 20.19 -3.37 -8.32
C ALA H 48 19.68 -4.46 -9.25
N HIS H 49 18.51 -5.05 -8.94
CA HIS H 49 17.98 -6.10 -9.79
C HIS H 49 17.42 -5.55 -11.10
N TYR H 50 16.84 -4.36 -11.06
CA TYR H 50 16.35 -3.73 -12.29
C TYR H 50 17.49 -3.50 -13.28
N ASN H 51 18.64 -3.06 -12.79
CA ASN H 51 19.81 -2.78 -13.61
C ASN H 51 20.68 -4.01 -13.84
N LYS H 52 20.25 -5.17 -13.37
CA LYS H 52 21.01 -6.41 -13.49
C LYS H 52 22.40 -6.27 -12.88
N ARG H 53 22.43 -5.75 -11.66
CA ARG H 53 23.66 -5.60 -10.89
C ARG H 53 23.55 -6.41 -9.61
N SER H 54 24.71 -6.92 -9.16
CA SER H 54 24.79 -7.70 -7.94
C SER H 54 25.35 -6.94 -6.75
N THR H 55 25.78 -5.70 -6.93
CA THR H 55 26.36 -4.90 -5.85
C THR H 55 25.40 -3.78 -5.46
N ILE H 56 25.16 -3.65 -4.17
CA ILE H 56 24.46 -2.49 -3.62
C ILE H 56 25.53 -1.49 -3.23
N THR H 57 25.68 -0.45 -4.04
CA THR H 57 26.67 0.60 -3.84
C THR H 57 26.01 1.79 -3.16
N SER H 58 26.81 2.84 -2.92
CA SER H 58 26.24 4.09 -2.42
C SER H 58 25.33 4.74 -3.44
N ARG H 59 25.49 4.42 -4.73
CA ARG H 59 24.59 4.96 -5.75
C ARG H 59 23.17 4.43 -5.60
N GLU H 60 22.99 3.14 -5.38
CA GLU H 60 21.67 2.59 -5.11
C GLU H 60 21.08 3.12 -3.81
N ILE H 61 21.88 3.31 -2.77
CA ILE H 61 21.38 3.89 -1.54
C ILE H 61 20.91 5.32 -1.78
N GLN H 62 21.69 6.11 -2.52
CA GLN H 62 21.30 7.49 -2.81
C GLN H 62 20.01 7.54 -3.62
N THR H 63 19.90 6.69 -4.65
CA THR H 63 18.68 6.65 -5.46
C THR H 63 17.48 6.19 -4.66
N ALA H 64 17.66 5.19 -3.78
CA ALA H 64 16.56 4.74 -2.93
C ALA H 64 16.13 5.82 -1.95
N VAL H 65 17.09 6.56 -1.40
CA VAL H 65 16.77 7.68 -0.52
C VAL H 65 15.98 8.74 -1.27
N ARG H 66 16.38 9.03 -2.50
CA ARG H 66 15.64 9.98 -3.32
C ARG H 66 14.26 9.48 -3.71
N LEU H 67 14.08 8.16 -3.82
CA LEU H 67 12.77 7.59 -4.12
C LEU H 67 11.83 7.56 -2.93
N LEU H 68 12.36 7.32 -1.72
CA LEU H 68 11.53 7.14 -0.53
C LEU H 68 11.38 8.39 0.30
N LEU H 69 12.38 9.26 0.33
CA LEU H 69 12.24 10.38 1.26
C LEU H 69 11.56 11.56 0.57
N PRO H 70 10.64 12.23 1.27
CA PRO H 70 9.85 13.30 0.64
C PRO H 70 10.57 14.64 0.57
N GLY H 71 10.57 15.25 -0.61
CA GLY H 71 10.95 16.63 -0.78
C GLY H 71 12.30 17.02 -0.20
N GLU H 72 12.27 17.84 0.85
CA GLU H 72 13.49 18.37 1.45
C GLU H 72 14.16 17.40 2.41
N LEU H 73 13.48 16.33 2.83
CA LEU H 73 14.17 15.28 3.58
C LEU H 73 15.23 14.59 2.71
N ALA H 74 14.89 14.29 1.47
CA ALA H 74 15.84 13.64 0.57
C ALA H 74 17.03 14.54 0.27
N LYS H 75 16.78 15.84 0.10
CA LYS H 75 17.87 16.76 -0.26
C LYS H 75 18.94 16.81 0.82
N HIS H 76 18.55 16.76 2.09
CA HIS H 76 19.50 16.78 3.19
C HIS H 76 20.04 15.40 3.55
N ALA H 77 19.23 14.35 3.42
CA ALA H 77 19.75 13.00 3.62
C ALA H 77 20.81 12.65 2.60
N VAL H 78 20.62 13.04 1.33
CA VAL H 78 21.65 12.85 0.33
C VAL H 78 22.90 13.67 0.64
N SER H 79 22.74 14.93 1.02
CA SER H 79 23.87 15.77 1.38
C SER H 79 24.66 15.25 2.56
N GLU H 80 24.00 14.57 3.51
CA GLU H 80 24.71 13.92 4.61
C GLU H 80 25.29 12.57 4.21
N GLY H 81 24.66 11.84 3.29
CA GLY H 81 25.22 10.59 2.84
C GLY H 81 26.48 10.75 2.01
N THR H 82 26.51 11.75 1.13
CA THR H 82 27.73 12.03 0.36
C THR H 82 28.79 12.76 1.17
N LYS H 83 28.42 13.38 2.30
CA LYS H 83 29.40 13.97 3.21
C LYS H 83 30.07 12.92 4.09
N ALA H 84 29.41 11.79 4.36
CA ALA H 84 29.99 10.70 5.13
C ALA H 84 30.84 9.76 4.29
N VAL H 85 30.40 9.45 3.07
CA VAL H 85 31.22 8.68 2.14
C VAL H 85 32.49 9.41 1.76
N THR H 86 32.44 10.74 1.64
CA THR H 86 33.61 11.55 1.38
C THR H 86 34.61 11.49 2.53
N LYS H 87 34.14 11.70 3.76
CA LYS H 87 35.03 11.66 4.92
C LYS H 87 35.55 10.25 5.18
N TYR H 88 34.77 9.23 4.81
CA TYR H 88 35.15 7.85 5.08
C TYR H 88 36.25 7.35 4.15
N THR H 89 36.28 7.85 2.91
CA THR H 89 37.25 7.42 1.91
C THR H 89 38.38 8.43 1.72
N SER H 90 38.56 9.34 2.68
CA SER H 90 39.62 10.34 2.60
C SER H 90 40.31 10.53 3.95
N PRO K 1 27.45 24.30 20.95
CA PRO K 1 27.10 24.09 19.55
C PRO K 1 26.27 22.83 19.34
N PRO K 2 25.03 22.83 19.84
CA PRO K 2 24.20 21.62 19.73
C PRO K 2 23.87 21.32 18.29
N ARG K 3 23.77 20.03 17.99
CA ARG K 3 23.43 19.61 16.63
C ARG K 3 22.06 20.13 16.25
N ARG K 4 21.98 20.72 15.06
CA ARG K 4 20.73 21.27 14.55
C ARG K 4 20.66 20.97 13.06
N SER K 5 19.47 21.10 12.50
CA SER K 5 19.26 20.91 11.07
C SER K 5 19.38 22.25 10.36
N SER K 6 19.50 22.22 9.03
CA SER K 6 19.43 23.43 8.23
C SER K 6 18.13 23.42 7.42
N ARG K 7 17.50 22.24 7.37
CA ARG K 7 16.14 22.13 6.83
C ARG K 7 15.13 22.77 7.77
N LEU K 8 15.46 22.92 9.05
CA LEU K 8 14.57 23.50 10.04
C LEU K 8 15.07 24.82 10.61
N THR K 9 16.28 25.25 10.27
CA THR K 9 16.84 26.48 10.81
C THR K 9 17.49 27.32 9.71
N PRO L 1 -14.25 -33.51 -21.22
CA PRO L 1 -14.28 -32.70 -19.99
C PRO L 1 -13.16 -31.66 -19.95
N PRO L 2 -13.54 -30.38 -19.93
CA PRO L 2 -12.53 -29.32 -19.82
C PRO L 2 -12.07 -29.12 -18.40
N ARG L 3 -11.23 -28.12 -18.16
CA ARG L 3 -10.70 -27.86 -16.83
C ARG L 3 -11.62 -26.89 -16.08
N ARG L 4 -12.85 -27.34 -15.86
CA ARG L 4 -13.81 -26.54 -15.13
C ARG L 4 -13.36 -26.34 -13.68
N SER L 5 -13.82 -25.25 -13.09
CA SER L 5 -13.41 -24.87 -11.74
C SER L 5 -14.49 -25.23 -10.74
N SER L 6 -14.05 -25.70 -9.57
CA SER L 6 -14.95 -26.06 -8.47
C SER L 6 -15.17 -24.91 -7.50
N ARG L 7 -14.42 -23.81 -7.61
CA ARG L 7 -14.68 -22.65 -6.77
C ARG L 7 -15.92 -21.90 -7.19
N LEU L 8 -16.25 -21.94 -8.49
CA LEU L 8 -17.37 -21.17 -9.02
C LEU L 8 -18.65 -22.00 -9.06
N THR L 9 -18.52 -23.28 -9.38
CA THR L 9 -19.68 -24.18 -9.39
C THR L 9 -19.30 -25.53 -8.81
#